data_1Q7O
# 
_entry.id   1Q7O 
# 
_audit_conform.dict_name       mmcif_pdbx.dic 
_audit_conform.dict_version    5.355 
_audit_conform.dict_location   http://mmcif.pdb.org/dictionaries/ascii/mmcif_pdbx.dic 
# 
loop_
_database_2.database_id 
_database_2.database_code 
_database_2.pdbx_database_accession 
_database_2.pdbx_DOI 
PDB   1Q7O         pdb_00001q7o 10.2210/pdb1q7o/pdb 
RCSB  RCSB020019   ?            ?                   
WWPDB D_1000020019 ?            ?                   
# 
_pdbx_database_status.status_code                     REL 
_pdbx_database_status.entry_id                        1Q7O 
_pdbx_database_status.recvd_initial_deposition_date   2003-08-19 
_pdbx_database_status.deposit_site                    RCSB 
_pdbx_database_status.process_site                    RCSB 
_pdbx_database_status.SG_entry                        . 
_pdbx_database_status.pdb_format_compatible           Y 
_pdbx_database_status.status_code_mr                  ? 
_pdbx_database_status.status_code_sf                  ? 
_pdbx_database_status.status_code_cs                  ? 
_pdbx_database_status.status_code_nmr_data            ? 
_pdbx_database_status.methods_development_category    ? 
# 
loop_
_audit_author.name 
_audit_author.pdbx_ordinal 
'Rienstra, C.M.'     1 
'Tucker-Kellogg, L.' 2 
'Jaroniec, C.P.'     3 
'Hohwy, M.'          4 
'Reif, B.'           5 
'McMahon, M.T.'      6 
'Tidor, B.'          7 
'Lozano-Perez, T.'   8 
'Griffin, R.G.'      9 
# 
_citation.id                        primary 
_citation.title                     
'De novo determination of peptide structure with solid-state magic-angle spinning NMR Spectroscopy' 
_citation.journal_abbrev            Proc.Natl.Acad.Sci.USA 
_citation.journal_volume            99 
_citation.page_first                10260 
_citation.page_last                 10265 
_citation.year                      2002 
_citation.journal_id_ASTM           PNASA6 
_citation.country                   US 
_citation.journal_id_ISSN           0027-8424 
_citation.journal_id_CSD            0040 
_citation.book_publisher            ? 
_citation.pdbx_database_id_PubMed   12149447 
_citation.pdbx_database_id_DOI      10.1073/pnas.152346599 
# 
loop_
_citation_author.citation_id 
_citation_author.name 
_citation_author.ordinal 
_citation_author.identifier_ORCID 
primary 'Rienstra, C.M.'     1 ? 
primary 'Tucker-Kellogg, L.' 2 ? 
primary 'Jaroniec, C.P.'     3 ? 
primary 'Hohwy, M.'          4 ? 
primary 'Reif, B.'           5 ? 
primary 'McMahon, M.T.'      6 ? 
primary 'Tidor, B.'          7 ? 
primary 'Lozano-Perez, T.'   8 ? 
primary 'Griffin, R.G.'      9 ? 
# 
_entity.id                         1 
_entity.type                       polymer 
_entity.src_method                 syn 
_entity.pdbx_description           'chemotactic peptide' 
_entity.formula_weight             453.553 
_entity.pdbx_number_of_molecules   1 
_entity.pdbx_ec                    ? 
_entity.pdbx_mutation              ? 
_entity.pdbx_fragment              ? 
_entity.details                    formyl-L-Met-L-Leu-L-Phe-OH 
# 
_entity_poly.entity_id                      1 
_entity_poly.type                           'polypeptide(L)' 
_entity_poly.nstd_linkage                   no 
_entity_poly.nstd_monomer                   yes 
_entity_poly.pdbx_seq_one_letter_code       '(FME)L(MTY)' 
_entity_poly.pdbx_seq_one_letter_code_can   MLY 
_entity_poly.pdbx_strand_id                 A 
_entity_poly.pdbx_target_identifier         ? 
# 
loop_
_entity_poly_seq.entity_id 
_entity_poly_seq.num 
_entity_poly_seq.mon_id 
_entity_poly_seq.hetero 
1 1 FME n 
1 2 LEU n 
1 3 MTY n 
# 
_pdbx_entity_src_syn.entity_id              1 
_pdbx_entity_src_syn.pdbx_src_id            1 
_pdbx_entity_src_syn.pdbx_alt_source_flag   sample 
_pdbx_entity_src_syn.pdbx_beg_seq_num       ? 
_pdbx_entity_src_syn.pdbx_end_seq_num       ? 
_pdbx_entity_src_syn.organism_scientific    ? 
_pdbx_entity_src_syn.organism_common_name   ? 
_pdbx_entity_src_syn.ncbi_taxonomy_id       ? 
_pdbx_entity_src_syn.details                'This sequence was synthesized by standard solid-phase methods and HPLC purification.' 
# 
_struct_ref.id                         1 
_struct_ref.entity_id                  1 
_struct_ref.db_name                    PDB 
_struct_ref.db_code                    1Q7O 
_struct_ref.pdbx_db_accession          1Q7O 
_struct_ref.pdbx_db_isoform            ? 
_struct_ref.pdbx_seq_one_letter_code   ? 
_struct_ref.pdbx_align_begin           ? 
# 
_struct_ref_seq.align_id                      1 
_struct_ref_seq.ref_id                        1 
_struct_ref_seq.pdbx_PDB_id_code              1Q7O 
_struct_ref_seq.pdbx_strand_id                A 
_struct_ref_seq.seq_align_beg                 1 
_struct_ref_seq.pdbx_seq_align_beg_ins_code   ? 
_struct_ref_seq.seq_align_end                 3 
_struct_ref_seq.pdbx_seq_align_end_ins_code   ? 
_struct_ref_seq.pdbx_db_accession             1Q7O 
_struct_ref_seq.db_align_beg                  1 
_struct_ref_seq.pdbx_db_align_beg_ins_code    ? 
_struct_ref_seq.db_align_end                  3 
_struct_ref_seq.pdbx_db_align_end_ins_code    ? 
_struct_ref_seq.pdbx_auth_seq_align_beg       1 
_struct_ref_seq.pdbx_auth_seq_align_end       3 
# 
loop_
_chem_comp.id 
_chem_comp.type 
_chem_comp.mon_nstd_flag 
_chem_comp.name 
_chem_comp.pdbx_synonyms 
_chem_comp.formula 
_chem_comp.formula_weight 
FME 'L-peptide linking' n N-FORMYLMETHIONINE ? 'C6 H11 N O3 S' 177.221 
LEU 'L-peptide linking' y LEUCINE            ? 'C6 H13 N O2'   131.173 
MTY 'L-peptide linking' n META-TYROSINE      ? 'C9 H11 N O3'   181.189 
# 
loop_
_pdbx_nmr_exptl.experiment_id 
_pdbx_nmr_exptl.solution_id 
_pdbx_nmr_exptl.conditions_id 
_pdbx_nmr_exptl.type 
1 1 1 2D-FS-REDOR 
2 1 2 3D-H-N-C-H  
3 1 2 3D-H-C-C-H  
4 1 2 3D-N-C-C-N  
5 1 3 H-N-N-H     
# 
_pdbx_nmr_exptl_sample_conditions.conditions_id       1 
_pdbx_nmr_exptl_sample_conditions.temperature         305 
_pdbx_nmr_exptl_sample_conditions.pressure            ambient 
_pdbx_nmr_exptl_sample_conditions.pH                  ? 
_pdbx_nmr_exptl_sample_conditions.ionic_strength      ? 
_pdbx_nmr_exptl_sample_conditions.pressure_units      ? 
_pdbx_nmr_exptl_sample_conditions.temperature_units   K 
# 
_pdbx_nmr_sample_details.solution_id      1 
_pdbx_nmr_sample_details.contents         'f-MLF-OH peptide' 
_pdbx_nmr_sample_details.solvent_system   2-propanol 
# 
loop_
_pdbx_nmr_spectrometer.spectrometer_id 
_pdbx_nmr_spectrometer.type 
_pdbx_nmr_spectrometer.manufacturer 
_pdbx_nmr_spectrometer.model 
_pdbx_nmr_spectrometer.field_strength 
1 ? 'Cambridge Instruments' ? 500 
2 ? 'Cambridge Instruments' ? 400 
# 
_pdbx_nmr_refine.entry_id           1Q7O 
_pdbx_nmr_refine.method             'simulated annealing' 
_pdbx_nmr_refine.details            'molecular dynamics' 
_pdbx_nmr_refine.software_ordinal   1 
# 
_pdbx_nmr_ensemble.entry_id                                      1Q7O 
_pdbx_nmr_ensemble.conformers_calculated_total_number            20 
_pdbx_nmr_ensemble.conformers_submitted_total_number             20 
_pdbx_nmr_ensemble.conformer_selection_criteria                  'structures with the lowest energy' 
_pdbx_nmr_ensemble.average_constraints_per_residue               ? 
_pdbx_nmr_ensemble.average_constraint_violations_per_residue     ? 
_pdbx_nmr_ensemble.maximum_distance_constraint_violation         ? 
_pdbx_nmr_ensemble.average_distance_constraint_violation         ? 
_pdbx_nmr_ensemble.maximum_upper_distance_constraint_violation   ? 
_pdbx_nmr_ensemble.maximum_lower_distance_constraint_violation   ? 
_pdbx_nmr_ensemble.distance_constraint_violation_method          ? 
_pdbx_nmr_ensemble.maximum_torsion_angle_constraint_violation    ? 
_pdbx_nmr_ensemble.average_torsion_angle_constraint_violation    ? 
_pdbx_nmr_ensemble.torsion_angle_constraint_violation_method     ? 
# 
_pdbx_nmr_representative.entry_id             1Q7O 
_pdbx_nmr_representative.conformer_id         1 
_pdbx_nmr_representative.selection_criteria   'lowest energy' 
# 
loop_
_pdbx_nmr_software.name 
_pdbx_nmr_software.version 
_pdbx_nmr_software.classification 
_pdbx_nmr_software.authors 
_pdbx_nmr_software.ordinal 
CNS  1.0 refinement Brunger 1 
RNMR ?   processing Ruben   2 
# 
_exptl.entry_id          1Q7O 
_exptl.method            'SOLID-STATE NMR' 
_exptl.crystals_number   ? 
# 
_exptl_crystal.id                    1 
_exptl_crystal.density_meas          ? 
_exptl_crystal.density_Matthews      ? 
_exptl_crystal.density_percent_sol   ? 
_exptl_crystal.description           ? 
# 
_diffrn.id                     1 
_diffrn.ambient_temp           ? 
_diffrn.ambient_temp_details   ? 
_diffrn.crystal_id             1 
# 
_diffrn_radiation.diffrn_id                        1 
_diffrn_radiation.wavelength_id                    1 
_diffrn_radiation.pdbx_monochromatic_or_laue_m_l   M 
_diffrn_radiation.monochromator                    ? 
_diffrn_radiation.pdbx_diffrn_protocol             'SINGLE WAVELENGTH' 
_diffrn_radiation.pdbx_scattering_type             ? 
# 
_diffrn_radiation_wavelength.id           1 
_diffrn_radiation_wavelength.wavelength   . 
_diffrn_radiation_wavelength.wt           1.0 
# 
_struct.entry_id                  1Q7O 
_struct.title                     
'Determination of f-MLF-OH Peptide Structure with solid-state magic-angle spinning NMR Spectroscopy' 
_struct.pdbx_model_details        ? 
_struct.pdbx_CASP_flag            ? 
_struct.pdbx_model_type_details   ? 
# 
_struct_keywords.entry_id        1Q7O 
_struct_keywords.pdbx_keywords   'DE NOVO PROTEIN' 
_struct_keywords.text            'MLF, chemotactic peptide, DE NOVO PROTEIN' 
# 
_struct_asym.id                            A 
_struct_asym.pdbx_blank_PDB_chainid_flag   N 
_struct_asym.pdbx_modified                 N 
_struct_asym.entity_id                     1 
_struct_asym.details                       ? 
# 
_struct_biol.id   1 
# 
loop_
_struct_conn.id 
_struct_conn.conn_type_id 
_struct_conn.pdbx_leaving_atom_flag 
_struct_conn.pdbx_PDB_id 
_struct_conn.ptnr1_label_asym_id 
_struct_conn.ptnr1_label_comp_id 
_struct_conn.ptnr1_label_seq_id 
_struct_conn.ptnr1_label_atom_id 
_struct_conn.pdbx_ptnr1_label_alt_id 
_struct_conn.pdbx_ptnr1_PDB_ins_code 
_struct_conn.pdbx_ptnr1_standard_comp_id 
_struct_conn.ptnr1_symmetry 
_struct_conn.ptnr2_label_asym_id 
_struct_conn.ptnr2_label_comp_id 
_struct_conn.ptnr2_label_seq_id 
_struct_conn.ptnr2_label_atom_id 
_struct_conn.pdbx_ptnr2_label_alt_id 
_struct_conn.pdbx_ptnr2_PDB_ins_code 
_struct_conn.ptnr1_auth_asym_id 
_struct_conn.ptnr1_auth_comp_id 
_struct_conn.ptnr1_auth_seq_id 
_struct_conn.ptnr2_auth_asym_id 
_struct_conn.ptnr2_auth_comp_id 
_struct_conn.ptnr2_auth_seq_id 
_struct_conn.ptnr2_symmetry 
_struct_conn.pdbx_ptnr3_label_atom_id 
_struct_conn.pdbx_ptnr3_label_seq_id 
_struct_conn.pdbx_ptnr3_label_comp_id 
_struct_conn.pdbx_ptnr3_label_asym_id 
_struct_conn.pdbx_ptnr3_label_alt_id 
_struct_conn.pdbx_ptnr3_PDB_ins_code 
_struct_conn.details 
_struct_conn.pdbx_dist_value 
_struct_conn.pdbx_value_order 
_struct_conn.pdbx_role 
covale1 covale both ? A FME 1 C ? ? ? 1_555 A LEU 2 N ? ? A FME 1 A LEU 2 1_555 ? ? ? ? ? ? ? 1.325 ? ? 
covale2 covale both ? A LEU 2 C ? ? ? 1_555 A MTY 3 N ? ? A LEU 2 A MTY 3 1_555 ? ? ? ? ? ? ? 1.333 ? ? 
# 
_struct_conn_type.id          covale 
_struct_conn_type.criteria    ? 
_struct_conn_type.reference   ? 
# 
_atom_sites.entry_id                    1Q7O 
_atom_sites.fract_transf_matrix[1][1]   1.000000 
_atom_sites.fract_transf_matrix[1][2]   0.000000 
_atom_sites.fract_transf_matrix[1][3]   0.000000 
_atom_sites.fract_transf_matrix[2][1]   0.000000 
_atom_sites.fract_transf_matrix[2][2]   1.000000 
_atom_sites.fract_transf_matrix[2][3]   0.000000 
_atom_sites.fract_transf_matrix[3][1]   0.000000 
_atom_sites.fract_transf_matrix[3][2]   0.000000 
_atom_sites.fract_transf_matrix[3][3]   1.000000 
_atom_sites.fract_transf_vector[1]      0.00000 
_atom_sites.fract_transf_vector[2]      0.00000 
_atom_sites.fract_transf_vector[3]      0.00000 
# 
loop_
_atom_type.symbol 
C 
H 
N 
O 
S 
# 
loop_
_atom_site.group_PDB 
_atom_site.id 
_atom_site.type_symbol 
_atom_site.label_atom_id 
_atom_site.label_alt_id 
_atom_site.label_comp_id 
_atom_site.label_asym_id 
_atom_site.label_entity_id 
_atom_site.label_seq_id 
_atom_site.pdbx_PDB_ins_code 
_atom_site.Cartn_x 
_atom_site.Cartn_y 
_atom_site.Cartn_z 
_atom_site.occupancy 
_atom_site.B_iso_or_equiv 
_atom_site.pdbx_formal_charge 
_atom_site.auth_seq_id 
_atom_site.auth_comp_id 
_atom_site.auth_asym_id 
_atom_site.auth_atom_id 
_atom_site.pdbx_PDB_model_num 
HETATM 1    N N    . FME A 1 1 ? -0.609 -4.084 0.834  1.00 0.00 ? 1 FME A N    1  
HETATM 2    C CN   . FME A 1 1 ? -1.038 -5.224 0.297  1.00 0.00 ? 1 FME A CN   1  
HETATM 3    O O1   . FME A 1 1 ? -1.570 -5.286 -0.814 1.00 0.00 ? 1 FME A O1   1  
HETATM 4    C CA   . FME A 1 1 ? -0.669 -2.829 0.107  1.00 0.00 ? 1 FME A CA   1  
HETATM 5    C CB   . FME A 1 1 ? -1.991 -2.103 0.335  1.00 0.00 ? 1 FME A CB   1  
HETATM 6    C CG   . FME A 1 1 ? -3.124 -2.586 -0.540 1.00 0.00 ? 1 FME A CG   1  
HETATM 7    S SD   . FME A 1 1 ? -4.755 -2.226 0.155  1.00 0.00 ? 1 FME A SD   1  
HETATM 8    C CE   . FME A 1 1 ? -5.047 -0.579 -0.484 1.00 0.00 ? 1 FME A CE   1  
HETATM 9    C C    . FME A 1 1 ? 0.435  -1.869 0.494  1.00 0.00 ? 1 FME A C    1  
HETATM 10   O O    . FME A 1 1 ? 0.988  -1.928 1.592  1.00 0.00 ? 1 FME A O    1  
HETATM 11   H H    . FME A 1 1 ? -0.259 -4.086 1.748  1.00 0.00 ? 1 FME A H    1  
HETATM 12   H HA   . FME A 1 1 ? -0.579 -3.058 -0.944 1.00 0.00 ? 1 FME A HA   1  
HETATM 13   H HB2  . FME A 1 1 ? -1.836 -1.055 0.145  1.00 0.00 ? 1 FME A HB2  1  
HETATM 14   H HB3  . FME A 1 1 ? -2.287 -2.232 1.373  1.00 0.00 ? 1 FME A HB3  1  
HETATM 15   H HG2  . FME A 1 1 ? -3.031 -3.661 -0.662 1.00 0.00 ? 1 FME A HG2  1  
HETATM 16   H HG3  . FME A 1 1 ? -3.044 -2.109 -1.503 1.00 0.00 ? 1 FME A HG3  1  
HETATM 17   H HE1  . FME A 1 1 ? -5.783 -0.624 -1.276 1.00 0.00 ? 1 FME A HE1  1  
HETATM 18   H HE2  . FME A 1 1 ? -4.123 -0.174 -0.870 1.00 0.00 ? 1 FME A HE2  1  
HETATM 19   H HE3  . FME A 1 1 ? -5.411 0.052  0.311  1.00 0.00 ? 1 FME A HE3  1  
ATOM   20   N N    . LEU A 1 2 ? 0.699  -0.950 -0.424 1.00 0.00 ? 2 LEU A N    1  
ATOM   21   C CA   . LEU A 1 2 ? 1.676  0.088  -0.208 1.00 0.00 ? 2 LEU A CA   1  
ATOM   22   C C    . LEU A 1 2 ? 0.943  1.304  0.331  1.00 0.00 ? 2 LEU A C    1  
ATOM   23   O O    . LEU A 1 2 ? 1.382  1.947  1.283  1.00 0.00 ? 2 LEU A O    1  
ATOM   24   C CB   . LEU A 1 2 ? 2.400  0.444  -1.514 1.00 0.00 ? 2 LEU A CB   1  
ATOM   25   C CG   . LEU A 1 2 ? 3.127  -0.718 -2.190 1.00 0.00 ? 2 LEU A CG   1  
ATOM   26   C CD1  . LEU A 1 2 ? 3.869  -0.244 -3.437 1.00 0.00 ? 2 LEU A CD1  1  
ATOM   27   C CD2  . LEU A 1 2 ? 4.101  -1.374 -1.218 1.00 0.00 ? 2 LEU A CD2  1  
ATOM   28   H H    . LEU A 1 2 ? 0.189  -0.952 -1.256 1.00 0.00 ? 2 LEU A H    1  
ATOM   29   H HA   . LEU A 1 2 ? 2.391  -0.260 0.524  1.00 0.00 ? 2 LEU A HA   1  
ATOM   30   H HB2  . LEU A 1 2 ? 1.668  0.838  -2.205 1.00 0.00 ? 2 LEU A HB2  1  
ATOM   31   H HB3  . LEU A 1 2 ? 3.123  1.220  -1.301 1.00 0.00 ? 2 LEU A HB3  1  
ATOM   32   H HG   . LEU A 1 2 ? 2.398  -1.462 -2.492 1.00 0.00 ? 2 LEU A HG   1  
ATOM   33   H HD11 . LEU A 1 2 ? 4.933  -0.286 -3.257 1.00 0.00 ? 2 LEU A HD11 1  
ATOM   34   H HD12 . LEU A 1 2 ? 3.581  0.772  -3.671 1.00 0.00 ? 2 LEU A HD12 1  
ATOM   35   H HD13 . LEU A 1 2 ? 3.623  -0.888 -4.269 1.00 0.00 ? 2 LEU A HD13 1  
ATOM   36   H HD21 . LEU A 1 2 ? 4.719  -0.612 -0.767 1.00 0.00 ? 2 LEU A HD21 1  
ATOM   37   H HD22 . LEU A 1 2 ? 4.725  -2.073 -1.753 1.00 0.00 ? 2 LEU A HD22 1  
ATOM   38   H HD23 . LEU A 1 2 ? 3.550  -1.893 -0.450 1.00 0.00 ? 2 LEU A HD23 1  
HETATM 39   N N    . MTY A 1 3 ? -0.204 1.594  -0.285 1.00 0.00 ? 3 MTY A N    1  
HETATM 40   C CA   . MTY A 1 3 ? -1.020 2.731  0.125  1.00 0.00 ? 3 MTY A CA   1  
HETATM 41   C CB   . MTY A 1 3 ? -0.359 4.039  -0.312 1.00 0.00 ? 3 MTY A CB   1  
HETATM 42   C CG   . MTY A 1 3 ? -0.016 4.068  -1.774 1.00 0.00 ? 3 MTY A CG   1  
HETATM 43   C CD1  . MTY A 1 3 ? 1.156  3.494  -2.233 1.00 0.00 ? 3 MTY A CD1  1  
HETATM 44   C CE1  . MTY A 1 3 ? 1.465  3.502  -3.579 1.00 0.00 ? 3 MTY A CE1  1  
HETATM 45   C CD2  . MTY A 1 3 ? -0.874 4.659  -2.689 1.00 0.00 ? 3 MTY A CD2  1  
HETATM 46   C CE2  . MTY A 1 3 ? -0.569 4.673  -4.038 1.00 0.00 ? 3 MTY A CE2  1  
HETATM 47   C CZ   . MTY A 1 3 ? 0.601  4.092  -4.483 1.00 0.00 ? 3 MTY A CZ   1  
HETATM 48   C C    . MTY A 1 3 ? -2.425 2.633  -0.461 1.00 0.00 ? 3 MTY A C    1  
HETATM 49   O O    . MTY A 1 3 ? -2.597 1.909  -1.461 1.00 0.00 ? 3 MTY A O    1  
HETATM 50   O OXT  . MTY A 1 3 ? -3.339 3.297  0.075  1.00 0.00 ? 3 MTY A OXT  1  
HETATM 51   H H    . MTY A 1 3 ? -0.498 1.036  -1.026 1.00 0.00 ? 3 MTY A H    1  
HETATM 52   H HA   . MTY A 1 3 ? -1.092 2.717  1.204  1.00 0.00 ? 3 MTY A HA   1  
HETATM 53   H HB2  . MTY A 1 3 ? 0.554  4.182  0.248  1.00 0.00 ? 3 MTY A HB2  1  
HETATM 54   H HB3  . MTY A 1 3 ? -1.030 4.858  -0.115 1.00 0.00 ? 3 MTY A HB3  1  
HETATM 55   H HD1  . MTY A 1 3 ? 1.831  3.034  -1.527 1.00 0.00 ? 3 MTY A HD1  1  
HETATM 56   H HE1  . MTY A 1 3 ? 2.385  3.050  -3.924 1.00 0.00 ? 3 MTY A HE1  1  
HETATM 57   H HD2  . MTY A 1 3 ? -1.785 5.119  -2.340 1.00 0.00 ? 3 MTY A HD2  1  
HETATM 58   H HZ   . MTY A 1 3 ? 0.838  4.095  -5.536 1.00 0.00 ? 3 MTY A HZ   1  
HETATM 59   N N    . FME A 1 1 ? -0.626 -4.055 0.855  1.00 0.00 ? 1 FME A N    2  
HETATM 60   C CN   . FME A 1 1 ? -1.024 -5.215 0.338  1.00 0.00 ? 1 FME A CN   2  
HETATM 61   O O1   . FME A 1 1 ? -1.394 -5.340 -0.831 1.00 0.00 ? 1 FME A O1   2  
HETATM 62   C CA   . FME A 1 1 ? -0.668 -2.813 0.084  1.00 0.00 ? 1 FME A CA   2  
HETATM 63   C CB   . FME A 1 1 ? -2.014 -2.097 0.222  1.00 0.00 ? 1 FME A CB   2  
HETATM 64   C CG   . FME A 1 1 ? -3.078 -2.624 -0.701 1.00 0.00 ? 1 FME A CG   2  
HETATM 65   S SD   . FME A 1 1 ? -4.746 -2.287 -0.104 1.00 0.00 ? 1 FME A SD   2  
HETATM 66   C CE   . FME A 1 1 ? -4.876 -0.529 -0.413 1.00 0.00 ? 1 FME A CE   2  
HETATM 67   C C    . FME A 1 1 ? 0.409  -1.838 0.488  1.00 0.00 ? 1 FME A C    2  
HETATM 68   O O    . FME A 1 1 ? 0.913  -1.852 1.609  1.00 0.00 ? 1 FME A O    2  
HETATM 69   H H    . FME A 1 1 ? -0.221 -4.046 1.752  1.00 0.00 ? 1 FME A H    2  
HETATM 70   H HA   . FME A 1 1 ? -0.524 -3.070 -0.951 1.00 0.00 ? 1 FME A HA   2  
HETATM 71   H HB2  . FME A 1 1 ? -1.881 -1.043 0.021  1.00 0.00 ? 1 FME A HB2  2  
HETATM 72   H HB3  . FME A 1 1 ? -2.357 -2.214 1.238  1.00 0.00 ? 1 FME A HB3  2  
HETATM 73   H HG2  . FME A 1 1 ? -2.955 -3.695 -0.793 1.00 0.00 ? 1 FME A HG2  2  
HETATM 74   H HG3  . FME A 1 1 ? -2.958 -2.167 -1.672 1.00 0.00 ? 1 FME A HG3  2  
HETATM 75   H HE1  . FME A 1 1 ? -5.497 -0.367 -1.284 1.00 0.00 ? 1 FME A HE1  2  
HETATM 76   H HE2  . FME A 1 1 ? -3.891 -0.114 -0.583 1.00 0.00 ? 1 FME A HE2  2  
HETATM 77   H HE3  . FME A 1 1 ? -5.324 -0.047 0.441  1.00 0.00 ? 1 FME A HE3  2  
ATOM   78   N N    . LEU A 1 2 ? 0.718  -0.956 -0.440 1.00 0.00 ? 2 LEU A N    2  
ATOM   79   C CA   . LEU A 1 2 ? 1.691  0.090  -0.203 1.00 0.00 ? 2 LEU A CA   2  
ATOM   80   C C    . LEU A 1 2 ? 0.953  1.299  0.345  1.00 0.00 ? 2 LEU A C    2  
ATOM   81   O O    . LEU A 1 2 ? 1.394  1.953  1.304  1.00 0.00 ? 2 LEU A O    2  
ATOM   82   C CB   . LEU A 1 2 ? 2.433  0.452  -1.497 1.00 0.00 ? 2 LEU A CB   2  
ATOM   83   C CG   . LEU A 1 2 ? 3.217  -0.696 -2.135 1.00 0.00 ? 2 LEU A CG   2  
ATOM   84   C CD1  . LEU A 1 2 ? 4.015  -0.205 -3.341 1.00 0.00 ? 2 LEU A CD1  2  
ATOM   85   C CD2  . LEU A 1 2 ? 4.136  -1.349 -1.110 1.00 0.00 ? 2 LEU A CD2  2  
ATOM   86   H H    . LEU A 1 2 ? 0.248  -0.988 -1.301 1.00 0.00 ? 2 LEU A H    2  
ATOM   87   H HA   . LEU A 1 2 ? 2.397  -0.264 0.532  1.00 0.00 ? 2 LEU A HA   2  
ATOM   88   H HB2  . LEU A 1 2 ? 1.711  0.814  -2.213 1.00 0.00 ? 2 LEU A HB2  2  
ATOM   89   H HB3  . LEU A 1 2 ? 3.128  1.250  -1.277 1.00 0.00 ? 2 LEU A HB3  2  
ATOM   90   H HG   . LEU A 1 2 ? 2.517  -1.443 -2.482 1.00 0.00 ? 2 LEU A HG   2  
ATOM   91   H HD11 . LEU A 1 2 ? 5.072  -0.223 -3.110 1.00 0.00 ? 2 LEU A HD11 2  
ATOM   92   H HD12 . LEU A 1 2 ? 3.718  0.805  -3.579 1.00 0.00 ? 2 LEU A HD12 2  
ATOM   93   H HD13 . LEU A 1 2 ? 3.820  -0.847 -4.188 1.00 0.00 ? 2 LEU A HD13 2  
ATOM   94   H HD21 . LEU A 1 2 ? 4.616  -0.584 -0.517 1.00 0.00 ? 2 LEU A HD21 2  
ATOM   95   H HD22 . LEU A 1 2 ? 4.885  -1.930 -1.621 1.00 0.00 ? 2 LEU A HD22 2  
ATOM   96   H HD23 . LEU A 1 2 ? 3.560  -1.993 -0.461 1.00 0.00 ? 2 LEU A HD23 2  
HETATM 97   N N    . MTY A 1 3 ? -0.193 1.584  -0.281 1.00 0.00 ? 3 MTY A N    2  
HETATM 98   C CA   . MTY A 1 3 ? -1.024 2.712  0.120  1.00 0.00 ? 3 MTY A CA   2  
HETATM 99   C CB   . MTY A 1 3 ? -0.404 4.037  -0.324 1.00 0.00 ? 3 MTY A CB   2  
HETATM 100  C CG   . MTY A 1 3 ? -0.058 4.088  -1.781 1.00 0.00 ? 3 MTY A CG   2  
HETATM 101  C CD1  . MTY A 1 3 ? 1.185  3.682  -2.217 1.00 0.00 ? 3 MTY A CD1  2  
HETATM 102  C CE1  . MTY A 1 3 ? 1.512  3.725  -3.557 1.00 0.00 ? 3 MTY A CE1  2  
HETATM 103  C CD2  . MTY A 1 3 ? -0.979 4.544  -2.710 1.00 0.00 ? 3 MTY A CD2  2  
HETATM 104  C CE2  . MTY A 1 3 ? -0.661 4.592  -4.052 1.00 0.00 ? 3 MTY A CE2  2  
HETATM 105  C CZ   . MTY A 1 3 ? 0.585  4.184  -4.479 1.00 0.00 ? 3 MTY A CZ   2  
HETATM 106  C C    . MTY A 1 3 ? -2.433 2.596  -0.455 1.00 0.00 ? 3 MTY A C    2  
HETATM 107  O O    . MTY A 1 3 ? -2.756 1.538  -1.035 1.00 0.00 ? 3 MTY A O    2  
HETATM 108  O OXT  . MTY A 1 3 ? -3.204 3.568  -0.325 1.00 0.00 ? 3 MTY A OXT  2  
HETATM 109  H H    . MTY A 1 3 ? -0.478 1.023  -1.029 1.00 0.00 ? 3 MTY A H    2  
HETATM 110  H HA   . MTY A 1 3 ? -1.085 2.704  1.194  1.00 0.00 ? 3 MTY A HA   2  
HETATM 111  H HB2  . MTY A 1 3 ? 0.500  4.211  0.239  1.00 0.00 ? 3 MTY A HB2  2  
HETATM 112  H HB3  . MTY A 1 3 ? -1.105 4.830  -0.125 1.00 0.00 ? 3 MTY A HB3  2  
HETATM 113  H HD1  . MTY A 1 3 ? 1.907  3.325  -1.498 1.00 0.00 ? 3 MTY A HD1  2  
HETATM 114  H HE1  . MTY A 1 3 ? 2.491  3.405  -3.886 1.00 0.00 ? 3 MTY A HE1  2  
HETATM 115  H HD2  . MTY A 1 3 ? -1.952 4.863  -2.374 1.00 0.00 ? 3 MTY A HD2  2  
HETATM 116  H HZ   . MTY A 1 3 ? 0.837  4.220  -5.529 1.00 0.00 ? 3 MTY A HZ   2  
HETATM 117  N N    . FME A 1 1 ? -0.649 -4.042 0.837  1.00 0.00 ? 1 FME A N    3  
HETATM 118  C CN   . FME A 1 1 ? -1.086 -5.192 0.323  1.00 0.00 ? 1 FME A CN   3  
HETATM 119  O O1   . FME A 1 1 ? -1.595 -5.285 -0.791 1.00 0.00 ? 1 FME A O1   3  
HETATM 120  C CA   . FME A 1 1 ? -0.677 -2.798 0.074  1.00 0.00 ? 1 FME A CA   3  
HETATM 121  C CB   . FME A 1 1 ? -2.019 -2.077 0.213  1.00 0.00 ? 1 FME A CB   3  
HETATM 122  C CG   . FME A 1 1 ? -3.088 -2.587 -0.721 1.00 0.00 ? 1 FME A CG   3  
HETATM 123  S SD   . FME A 1 1 ? -4.758 -2.241 -0.126 1.00 0.00 ? 1 FME A SD   3  
HETATM 124  C CE   . FME A 1 1 ? -4.694 -0.460 0.078  1.00 0.00 ? 1 FME A CE   3  
HETATM 125  C C    . FME A 1 1 ? 0.412  -1.844 0.497  1.00 0.00 ? 1 FME A C    3  
HETATM 126  O O    . FME A 1 1 ? 0.907  -1.884 1.624  1.00 0.00 ? 1 FME A O    3  
HETATM 127  H H    . FME A 1 1 ? -0.282 -4.036 1.741  1.00 0.00 ? 1 FME A H    3  
HETATM 128  H HA   . FME A 1 1 ? -0.531 -3.048 -0.965 1.00 0.00 ? 1 FME A HA   3  
HETATM 129  H HB2  . FME A 1 1 ? -1.872 -1.028 0.019  1.00 0.00 ? 1 FME A HB2  3  
HETATM 130  H HB3  . FME A 1 1 ? -2.378 -2.199 1.225  1.00 0.00 ? 1 FME A HB3  3  
HETATM 131  H HG2  . FME A 1 1 ? -2.979 -3.659 -0.821 1.00 0.00 ? 1 FME A HG2  3  
HETATM 132  H HG3  . FME A 1 1 ? -2.963 -2.121 -1.690 1.00 0.00 ? 1 FME A HG3  3  
HETATM 133  H HE1  . FME A 1 1 ? -3.778 -0.083 -0.348 1.00 0.00 ? 1 FME A HE1  3  
HETATM 134  H HE2  . FME A 1 1 ? -4.730 -0.215 1.130  1.00 0.00 ? 1 FME A HE2  3  
HETATM 135  H HE3  . FME A 1 1 ? -5.536 -0.011 -0.425 1.00 0.00 ? 1 FME A HE3  3  
ATOM   136  N N    . LEU A 1 2 ? 0.726  -0.947 -0.419 1.00 0.00 ? 2 LEU A N    3  
ATOM   137  C CA   . LEU A 1 2 ? 1.701  0.090  -0.179 1.00 0.00 ? 2 LEU A CA   3  
ATOM   138  C C    . LEU A 1 2 ? 0.953  1.303  0.334  1.00 0.00 ? 2 LEU A C    3  
ATOM   139  O O    . LEU A 1 2 ? 1.377  1.959  1.284  1.00 0.00 ? 2 LEU A O    3  
ATOM   140  C CB   . LEU A 1 2 ? 2.486  0.419  -1.456 1.00 0.00 ? 2 LEU A CB   3  
ATOM   141  C CG   . LEU A 1 2 ? 3.378  -0.716 -1.978 1.00 0.00 ? 2 LEU A CG   3  
ATOM   142  C CD1  . LEU A 1 2 ? 4.289  -0.213 -3.088 1.00 0.00 ? 2 LEU A CD1  3  
ATOM   143  C CD2  . LEU A 1 2 ? 4.211  -1.329 -0.856 1.00 0.00 ? 2 LEU A CD2  3  
ATOM   144  H H    . LEU A 1 2 ? 0.252  -0.963 -1.274 1.00 0.00 ? 2 LEU A H    3  
ATOM   145  H HA   . LEU A 1 2 ? 2.380  -0.256 0.586  1.00 0.00 ? 2 LEU A HA   3  
ATOM   146  H HB2  . LEU A 1 2 ? 1.779  0.676  -2.231 1.00 0.00 ? 2 LEU A HB2  3  
ATOM   147  H HB3  . LEU A 1 2 ? 3.112  1.279  -1.265 1.00 0.00 ? 2 LEU A HB3  3  
ATOM   148  H HG   . LEU A 1 2 ? 2.751  -1.490 -2.392 1.00 0.00 ? 2 LEU A HG   3  
ATOM   149  H HD11 . LEU A 1 2 ? 4.239  -0.893 -3.923 1.00 0.00 ? 2 LEU A HD11 3  
ATOM   150  H HD12 . LEU A 1 2 ? 5.304  -0.168 -2.720 1.00 0.00 ? 2 LEU A HD12 3  
ATOM   151  H HD13 . LEU A 1 2 ? 3.972  0.771  -3.399 1.00 0.00 ? 2 LEU A HD13 3  
ATOM   152  H HD21 . LEU A 1 2 ? 4.126  -2.407 -0.888 1.00 0.00 ? 2 LEU A HD21 3  
ATOM   153  H HD22 . LEU A 1 2 ? 3.859  -0.971 0.101  1.00 0.00 ? 2 LEU A HD22 3  
ATOM   154  H HD23 . LEU A 1 2 ? 5.248  -1.049 -0.982 1.00 0.00 ? 2 LEU A HD23 3  
HETATM 155  N N    . MTY A 1 3 ? -0.184 1.590  -0.311 1.00 0.00 ? 3 MTY A N    3  
HETATM 156  C CA   . MTY A 1 3 ? -1.007 2.728  0.073  1.00 0.00 ? 3 MTY A CA   3  
HETATM 157  C CB   . MTY A 1 3 ? -0.440 4.022  -0.512 1.00 0.00 ? 3 MTY A CB   3  
HETATM 158  C CG   . MTY A 1 3 ? -0.279 3.991  -2.010 1.00 0.00 ? 3 MTY A CG   3  
HETATM 159  C CD1  . MTY A 1 3 ? -1.391 3.941  -2.835 1.00 0.00 ? 3 MTY A CD1  3  
HETATM 160  C CE1  . MTY A 1 3 ? -1.252 3.916  -4.210 1.00 0.00 ? 3 MTY A CE1  3  
HETATM 161  C CD2  . MTY A 1 3 ? 0.981  4.015  -2.589 1.00 0.00 ? 3 MTY A CD2  3  
HETATM 162  C CE2  . MTY A 1 3 ? 1.127  3.990  -3.966 1.00 0.00 ? 3 MTY A CE2  3  
HETATM 163  C CZ   . MTY A 1 3 ? 0.009  3.941  -4.777 1.00 0.00 ? 3 MTY A CZ   3  
HETATM 164  C C    . MTY A 1 3 ? -2.449 2.541  -0.392 1.00 0.00 ? 3 MTY A C    3  
HETATM 165  O O    . MTY A 1 3 ? -2.707 1.577  -1.144 1.00 0.00 ? 3 MTY A O    3  
HETATM 166  O OXT  . MTY A 1 3 ? -3.310 3.359  -0.002 1.00 0.00 ? 3 MTY A OXT  3  
HETATM 167  H H    . MTY A 1 3 ? -0.469 1.020  -1.056 1.00 0.00 ? 3 MTY A H    3  
HETATM 168  H HA   . MTY A 1 3 ? -0.993 2.793  1.153  1.00 0.00 ? 3 MTY A HA   3  
HETATM 169  H HB2  . MTY A 1 3 ? 0.530  4.210  -0.074 1.00 0.00 ? 3 MTY A HB2  3  
HETATM 170  H HB3  . MTY A 1 3 ? -1.103 4.838  -0.267 1.00 0.00 ? 3 MTY A HB3  3  
HETATM 171  H HD1  . MTY A 1 3 ? -2.376 3.922  -2.394 1.00 0.00 ? 3 MTY A HD1  3  
HETATM 172  H HE1  . MTY A 1 3 ? -2.124 3.877  -4.842 1.00 0.00 ? 3 MTY A HE1  3  
HETATM 173  H HD2  . MTY A 1 3 ? 1.856  4.056  -1.957 1.00 0.00 ? 3 MTY A HD2  3  
HETATM 174  H HZ   . MTY A 1 3 ? 0.120  3.920  -5.851 1.00 0.00 ? 3 MTY A HZ   3  
HETATM 175  N N    . FME A 1 1 ? -0.622 -4.070 0.840  1.00 0.00 ? 1 FME A N    4  
HETATM 176  C CN   . FME A 1 1 ? -1.064 -5.210 0.317  1.00 0.00 ? 1 FME A CN   4  
HETATM 177  O O1   . FME A 1 1 ? -1.574 -5.279 -0.801 1.00 0.00 ? 1 FME A O1   4  
HETATM 178  C CA   . FME A 1 1 ? -0.665 -2.818 0.092  1.00 0.00 ? 1 FME A CA   4  
HETATM 179  C CB   . FME A 1 1 ? -1.999 -2.094 0.263  1.00 0.00 ? 1 FME A CB   4  
HETATM 180  C CG   . FME A 1 1 ? -3.096 -2.603 -0.639 1.00 0.00 ? 1 FME A CG   4  
HETATM 181  S SD   . FME A 1 1 ? -4.744 -2.262 0.010  1.00 0.00 ? 1 FME A SD   4  
HETATM 182  C CE   . FME A 1 1 ? -4.608 -0.512 0.364  1.00 0.00 ? 1 FME A CE   4  
HETATM 183  C C    . FME A 1 1 ? 0.426  -1.857 0.493  1.00 0.00 ? 1 FME A C    4  
HETATM 184  O O    . FME A 1 1 ? 0.951  -1.898 1.604  1.00 0.00 ? 1 FME A O    4  
HETATM 185  H H    . FME A 1 1 ? -0.253 -4.074 1.748  1.00 0.00 ? 1 FME A H    4  
HETATM 186  H HA   . FME A 1 1 ? -0.543 -3.060 -0.951 1.00 0.00 ? 1 FME A HA   4  
HETATM 187  H HB2  . FME A 1 1 ? -1.855 -1.043 0.062  1.00 0.00 ? 1 FME A HB2  4  
HETATM 188  H HB3  . FME A 1 1 ? -2.326 -2.215 1.285  1.00 0.00 ? 1 FME A HB3  4  
HETATM 189  H HG2  . FME A 1 1 ? -2.984 -3.673 -0.746 1.00 0.00 ? 1 FME A HG2  4  
HETATM 190  H HG3  . FME A 1 1 ? -3.003 -2.135 -1.607 1.00 0.00 ? 1 FME A HG3  4  
HETATM 191  H HE1  . FME A 1 1 ? -3.836 -0.080 -0.255 1.00 0.00 ? 1 FME A HE1  4  
HETATM 192  H HE2  . FME A 1 1 ? -4.354 -0.376 1.404  1.00 0.00 ? 1 FME A HE2  4  
HETATM 193  H HE3  . FME A 1 1 ? -5.552 -0.029 0.158  1.00 0.00 ? 1 FME A HE3  4  
ATOM   194  N N    . LEU A 1 2 ? 0.712  -0.955 -0.424 1.00 0.00 ? 2 LEU A N    4  
ATOM   195  C CA   . LEU A 1 2 ? 1.684  0.087  -0.201 1.00 0.00 ? 2 LEU A CA   4  
ATOM   196  C C    . LEU A 1 2 ? 0.944  1.302  0.334  1.00 0.00 ? 2 LEU A C    4  
ATOM   197  O O    . LEU A 1 2 ? 1.389  1.956  1.277  1.00 0.00 ? 2 LEU A O    4  
ATOM   198  C CB   . LEU A 1 2 ? 2.424  0.424  -1.498 1.00 0.00 ? 2 LEU A CB   4  
ATOM   199  C CG   . LEU A 1 2 ? 3.179  -0.744 -2.141 1.00 0.00 ? 2 LEU A CG   4  
ATOM   200  C CD1  . LEU A 1 2 ? 3.930  -0.275 -3.379 1.00 0.00 ? 2 LEU A CD1  4  
ATOM   201  C CD2  . LEU A 1 2 ? 4.136  -1.378 -1.144 1.00 0.00 ? 2 LEU A CD2  4  
ATOM   202  H H    . LEU A 1 2 ? 0.215  -0.965 -1.270 1.00 0.00 ? 2 LEU A H    4  
ATOM   203  H HA   . LEU A 1 2 ? 2.387  -0.260 0.542  1.00 0.00 ? 2 LEU A HA   4  
ATOM   204  H HB2  . LEU A 1 2 ? 1.704  0.795  -2.211 1.00 0.00 ? 2 LEU A HB2  4  
ATOM   205  H HB3  . LEU A 1 2 ? 3.135  1.210  -1.288 1.00 0.00 ? 2 LEU A HB3  4  
ATOM   206  H HG   . LEU A 1 2 ? 2.468  -1.497 -2.449 1.00 0.00 ? 2 LEU A HG   4  
ATOM   207  H HD11 . LEU A 1 2 ? 4.140  -1.123 -4.013 1.00 0.00 ? 2 LEU A HD11 4  
ATOM   208  H HD12 . LEU A 1 2 ? 4.857  0.191  -3.082 1.00 0.00 ? 2 LEU A HD12 4  
ATOM   209  H HD13 . LEU A 1 2 ? 3.324  0.437  -3.918 1.00 0.00 ? 2 LEU A HD13 4  
ATOM   210  H HD21 . LEU A 1 2 ? 3.829  -2.394 -0.945 1.00 0.00 ? 2 LEU A HD21 4  
ATOM   211  H HD22 . LEU A 1 2 ? 4.125  -0.812 -0.225 1.00 0.00 ? 2 LEU A HD22 4  
ATOM   212  H HD23 . LEU A 1 2 ? 5.136  -1.379 -1.555 1.00 0.00 ? 2 LEU A HD23 4  
HETATM 213  N N    . MTY A 1 3 ? -0.199 1.590  -0.288 1.00 0.00 ? 3 MTY A N    4  
HETATM 214  C CA   . MTY A 1 3 ? -1.020 2.728  0.115  1.00 0.00 ? 3 MTY A CA   4  
HETATM 215  C CB   . MTY A 1 3 ? -0.382 4.046  -0.337 1.00 0.00 ? 3 MTY A CB   4  
HETATM 216  C CG   . MTY A 1 3 ? 0.015  4.077  -1.789 1.00 0.00 ? 3 MTY A CG   4  
HETATM 217  C CD1  . MTY A 1 3 ? 1.253  4.566  -2.171 1.00 0.00 ? 3 MTY A CD1  4  
HETATM 218  C CE1  . MTY A 1 3 ? 1.618  4.609  -3.503 1.00 0.00 ? 3 MTY A CE1  4  
HETATM 219  C CD2  . MTY A 1 3 ? -0.855 3.625  -2.772 1.00 0.00 ? 3 MTY A CD2  4  
HETATM 220  C CE2  . MTY A 1 3 ? -0.494 3.663  -4.104 1.00 0.00 ? 3 MTY A CE2  4  
HETATM 221  C CZ   . MTY A 1 3 ? 0.742  4.155  -4.472 1.00 0.00 ? 3 MTY A CZ   4  
HETATM 222  C C    . MTY A 1 3 ? -2.434 2.612  -0.448 1.00 0.00 ? 3 MTY A C    4  
HETATM 223  O O    . MTY A 1 3 ? -2.641 1.780  -1.356 1.00 0.00 ? 3 MTY A O    4  
HETATM 224  O OXT  . MTY A 1 3 ? -3.321 3.352  0.026  1.00 0.00 ? 3 MTY A OXT  4  
HETATM 225  H H    . MTY A 1 3 ? -0.493 1.029  -1.033 1.00 0.00 ? 3 MTY A H    4  
HETATM 226  H HA   . MTY A 1 3 ? -1.076 2.721  1.193  1.00 0.00 ? 3 MTY A HA   4  
HETATM 227  H HB2  . MTY A 1 3 ? 0.504  4.228  0.251  1.00 0.00 ? 3 MTY A HB2  4  
HETATM 228  H HB3  . MTY A 1 3 ? -1.085 4.851  -0.174 1.00 0.00 ? 3 MTY A HB3  4  
HETATM 229  H HD1  . MTY A 1 3 ? 1.939  4.920  -1.414 1.00 0.00 ? 3 MTY A HD1  4  
HETATM 230  H HE1  . MTY A 1 3 ? 2.585  4.994  -3.787 1.00 0.00 ? 3 MTY A HE1  4  
HETATM 231  H HD2  . MTY A 1 3 ? -1.820 3.242  -2.487 1.00 0.00 ? 3 MTY A HD2  4  
HETATM 232  H HZ   . MTY A 1 3 ? 1.023  4.188  -5.513 1.00 0.00 ? 3 MTY A HZ   4  
HETATM 233  N N    . FME A 1 1 ? -0.616 -4.061 0.836  1.00 0.00 ? 1 FME A N    5  
HETATM 234  C CN   . FME A 1 1 ? -1.043 -5.198 0.300  1.00 0.00 ? 1 FME A CN   5  
HETATM 235  O O1   . FME A 1 1 ? -1.568 -5.258 -0.814 1.00 0.00 ? 1 FME A O1   5  
HETATM 236  C CA   . FME A 1 1 ? -0.664 -2.814 0.089  1.00 0.00 ? 1 FME A CA   5  
HETATM 237  C CB   . FME A 1 1 ? -2.012 -2.112 0.244  1.00 0.00 ? 1 FME A CB   5  
HETATM 238  C CG   . FME A 1 1 ? -3.074 -2.626 -0.693 1.00 0.00 ? 1 FME A CG   5  
HETATM 239  S SD   . FME A 1 1 ? -4.744 -2.196 -0.166 1.00 0.00 ? 1 FME A SD   5  
HETATM 240  C CE   . FME A 1 1 ? -4.858 -0.498 -0.716 1.00 0.00 ? 1 FME A CE   5  
HETATM 241  C C    . FME A 1 1 ? 0.413  -1.847 0.503  1.00 0.00 ? 1 FME A C    5  
HETATM 242  O O    . FME A 1 1 ? 0.914  -1.875 1.628  1.00 0.00 ? 1 FME A O    5  
HETATM 243  H H    . FME A 1 1 ? -0.100 -4.094 1.669  1.00 0.00 ? 1 FME A H    5  
HETATM 244  H HA   . FME A 1 1 ? -0.524 -3.055 -0.952 1.00 0.00 ? 1 FME A HA   5  
HETATM 245  H HB2  . FME A 1 1 ? -1.882 -1.054 0.059  1.00 0.00 ? 1 FME A HB2  5  
HETATM 246  H HB3  . FME A 1 1 ? -2.363 -2.248 1.256  1.00 0.00 ? 1 FME A HB3  5  
HETATM 247  H HG2  . FME A 1 1 ? -2.999 -3.702 -0.739 1.00 0.00 ? 1 FME A HG2  5  
HETATM 248  H HG3  . FME A 1 1 ? -2.902 -2.216 -1.677 1.00 0.00 ? 1 FME A HG3  5  
HETATM 249  H HE1  . FME A 1 1 ? -5.831 -0.327 -1.153 1.00 0.00 ? 1 FME A HE1  5  
HETATM 250  H HE2  . FME A 1 1 ? -4.093 -0.304 -1.454 1.00 0.00 ? 1 FME A HE2  5  
HETATM 251  H HE3  . FME A 1 1 ? -4.721 0.162  0.127  1.00 0.00 ? 1 FME A HE3  5  
ATOM   252  N N    . LEU A 1 2 ? 0.712  -0.959 -0.424 1.00 0.00 ? 2 LEU A N    5  
ATOM   253  C CA   . LEU A 1 2 ? 1.683  0.087  -0.207 1.00 0.00 ? 2 LEU A CA   5  
ATOM   254  C C    . LEU A 1 2 ? 0.948  1.299  0.332  1.00 0.00 ? 2 LEU A C    5  
ATOM   255  O O    . LEU A 1 2 ? 1.399  1.959  1.271  1.00 0.00 ? 2 LEU A O    5  
ATOM   256  C CB   . LEU A 1 2 ? 2.397  0.450  -1.513 1.00 0.00 ? 2 LEU A CB   5  
ATOM   257  C CG   . LEU A 1 2 ? 3.150  -0.691 -2.200 1.00 0.00 ? 2 LEU A CG   5  
ATOM   258  C CD1  . LEU A 1 2 ? 3.906  -0.167 -3.411 1.00 0.00 ? 2 LEU A CD1  5  
ATOM   259  C CD2  . LEU A 1 2 ? 4.103  -1.367 -1.230 1.00 0.00 ? 2 LEU A CD2  5  
ATOM   260  H H    . LEU A 1 2 ? 0.238  -0.991 -1.280 1.00 0.00 ? 2 LEU A H    5  
ATOM   261  H HA   . LEU A 1 2 ? 2.403  -0.251 0.521  1.00 0.00 ? 2 LEU A HA   5  
ATOM   262  H HB2  . LEU A 1 2 ? 1.660  0.829  -2.205 1.00 0.00 ? 2 LEU A HB2  5  
ATOM   263  H HB3  . LEU A 1 2 ? 3.103  1.238  -1.302 1.00 0.00 ? 2 LEU A HB3  5  
ATOM   264  H HG   . LEU A 1 2 ? 2.440  -1.428 -2.543 1.00 0.00 ? 2 LEU A HG   5  
ATOM   265  H HD11 . LEU A 1 2 ? 4.958  -0.096 -3.176 1.00 0.00 ? 2 LEU A HD11 5  
ATOM   266  H HD12 . LEU A 1 2 ? 3.530  0.811  -3.674 1.00 0.00 ? 2 LEU A HD12 5  
ATOM   267  H HD13 . LEU A 1 2 ? 3.766  -0.842 -4.240 1.00 0.00 ? 2 LEU A HD13 5  
ATOM   268  H HD21 . LEU A 1 2 ? 4.598  -0.614 -0.633 1.00 0.00 ? 2 LEU A HD21 5  
ATOM   269  H HD22 . LEU A 1 2 ? 4.839  -1.932 -1.781 1.00 0.00 ? 2 LEU A HD22 5  
ATOM   270  H HD23 . LEU A 1 2 ? 3.547  -2.029 -0.584 1.00 0.00 ? 2 LEU A HD23 5  
HETATM 271  N N    . MTY A 1 3 ? -0.202 1.584  -0.284 1.00 0.00 ? 3 MTY A N    5  
HETATM 272  C CA   . MTY A 1 3 ? -1.018 2.726  0.116  1.00 0.00 ? 3 MTY A CA   5  
HETATM 273  C CB   . MTY A 1 3 ? -0.377 4.033  -0.356 1.00 0.00 ? 3 MTY A CB   5  
HETATM 274  C CG   . MTY A 1 3 ? -0.008 4.032  -1.808 1.00 0.00 ? 3 MTY A CG   5  
HETATM 275  C CD1  . MTY A 1 3 ? 1.231  3.574  -2.219 1.00 0.00 ? 3 MTY A CD1  5  
HETATM 276  C CE1  . MTY A 1 3 ? 1.573  3.574  -3.558 1.00 0.00 ? 3 MTY A CE1  5  
HETATM 277  C CD2  . MTY A 1 3 ? -0.902 4.489  -2.760 1.00 0.00 ? 3 MTY A CD2  5  
HETATM 278  C CE2  . MTY A 1 3 ? -0.569 4.491  -4.101 1.00 0.00 ? 3 MTY A CE2  5  
HETATM 279  C CZ   . MTY A 1 3 ? 0.672  4.032  -4.501 1.00 0.00 ? 3 MTY A CZ   5  
HETATM 280  C C    . MTY A 1 3 ? -2.430 2.605  -0.448 1.00 0.00 ? 3 MTY A C    5  
HETATM 281  O O    . MTY A 1 3 ? -2.671 1.665  -1.231 1.00 0.00 ? 3 MTY A O    5  
HETATM 282  O OXT  . MTY A 1 3 ? -3.282 3.449  -0.097 1.00 0.00 ? 3 MTY A OXT  5  
HETATM 283  H H    . MTY A 1 3 ? -0.497 1.023  -1.028 1.00 0.00 ? 3 MTY A H    5  
HETATM 284  H HA   . MTY A 1 3 ? -1.074 2.734  1.193  1.00 0.00 ? 3 MTY A HA   5  
HETATM 285  H HB2  . MTY A 1 3 ? 0.523  4.214  0.217  1.00 0.00 ? 3 MTY A HB2  5  
HETATM 286  H HB3  . MTY A 1 3 ? -1.068 4.845  -0.192 1.00 0.00 ? 3 MTY A HB3  5  
HETATM 287  H HD1  . MTY A 1 3 ? 1.934  3.214  -1.484 1.00 0.00 ? 3 MTY A HD1  5  
HETATM 288  H HE1  . MTY A 1 3 ? 2.541  3.215  -3.869 1.00 0.00 ? 3 MTY A HE1  5  
HETATM 289  H HD2  . MTY A 1 3 ? -1.870 4.846  -2.446 1.00 0.00 ? 3 MTY A HD2  5  
HETATM 290  H HZ   . MTY A 1 3 ? 0.936  4.036  -5.547 1.00 0.00 ? 3 MTY A HZ   5  
HETATM 291  N N    . FME A 1 1 ? -0.610 -4.091 0.842  1.00 0.00 ? 1 FME A N    6  
HETATM 292  C CN   . FME A 1 1 ? -1.002 -5.236 0.293  1.00 0.00 ? 1 FME A CN   6  
HETATM 293  O O1   . FME A 1 1 ? -1.371 -5.331 -0.876 1.00 0.00 ? 1 FME A O1   6  
HETATM 294  C CA   . FME A 1 1 ? -0.659 -2.834 0.097  1.00 0.00 ? 1 FME A CA   6  
HETATM 295  C CB   . FME A 1 1 ? -1.991 -2.119 0.299  1.00 0.00 ? 1 FME A CB   6  
HETATM 296  C CG   . FME A 1 1 ? -3.110 -2.631 -0.583 1.00 0.00 ? 1 FME A CG   6  
HETATM 297  S SD   . FME A 1 1 ? -4.744 -2.304 0.099  1.00 0.00 ? 1 FME A SD   6  
HETATM 298  C CE   . FME A 1 1 ? -4.819 -0.528 -0.089 1.00 0.00 ? 1 FME A CE   6  
HETATM 299  C C    . FME A 1 1 ? 0.428  -1.863 0.490  1.00 0.00 ? 1 FME A C    6  
HETATM 300  O O    . FME A 1 1 ? 0.980  -1.910 1.591  1.00 0.00 ? 1 FME A O    6  
HETATM 301  H H    . FME A 1 1 ? -0.309 -4.082 1.770  1.00 0.00 ? 1 FME A H    6  
HETATM 302  H HA   . FME A 1 1 ? -0.555 -3.068 -0.950 1.00 0.00 ? 1 FME A HA   6  
HETATM 303  H HB2  . FME A 1 1 ? -1.853 -1.072 0.092  1.00 0.00 ? 1 FME A HB2  6  
HETATM 304  H HB3  . FME A 1 1 ? -2.295 -2.233 1.330  1.00 0.00 ? 1 FME A HB3  6  
HETATM 305  H HG2  . FME A 1 1 ? -2.994 -3.700 -0.700 1.00 0.00 ? 1 FME A HG2  6  
HETATM 306  H HG3  . FME A 1 1 ? -3.041 -2.156 -1.555 1.00 0.00 ? 1 FME A HG3  6  
HETATM 307  H HE1  . FME A 1 1 ? -4.070 -0.213 -0.801 1.00 0.00 ? 1 FME A HE1  6  
HETATM 308  H HE2  . FME A 1 1 ? -4.631 -0.059 0.865  1.00 0.00 ? 1 FME A HE2  6  
HETATM 309  H HE3  . FME A 1 1 ? -5.799 -0.242 -0.443 1.00 0.00 ? 1 FME A HE3  6  
ATOM   310  N N    . LEU A 1 2 ? 0.699  -0.954 -0.417 1.00 0.00 ? 2 LEU A N    6  
ATOM   311  C CA   . LEU A 1 2 ? 1.666  0.097  -0.214 1.00 0.00 ? 2 LEU A CA   6  
ATOM   312  C C    . LEU A 1 2 ? 0.932  1.297  0.346  1.00 0.00 ? 2 LEU A C    6  
ATOM   313  O O    . LEU A 1 2 ? 1.388  1.962  1.272  1.00 0.00 ? 2 LEU A O    6  
ATOM   314  C CB   . LEU A 1 2 ? 2.395  0.450  -1.512 1.00 0.00 ? 2 LEU A CB   6  
ATOM   315  C CG   . LEU A 1 2 ? 3.195  -0.697 -2.150 1.00 0.00 ? 2 LEU A CG   6  
ATOM   316  C CD1  . LEU A 1 2 ? 3.990  -0.185 -3.349 1.00 0.00 ? 2 LEU A CD1  6  
ATOM   317  C CD2  . LEU A 1 2 ? 4.126  -1.331 -1.117 1.00 0.00 ? 2 LEU A CD2  6  
ATOM   318  H H    . LEU A 1 2 ? 0.185  -0.964 -1.261 1.00 0.00 ? 2 LEU A H    6  
ATOM   319  H HA   . LEU A 1 2 ? 2.383  -0.250 0.529  1.00 0.00 ? 2 LEU A HA   6  
ATOM   320  H HB2  . LEU A 1 2 ? 1.653  0.788  -2.230 1.00 0.00 ? 2 LEU A HB2  6  
ATOM   321  H HB3  . LEU A 1 2 ? 3.069  1.267  -1.310 1.00 0.00 ? 2 LEU A HB3  6  
ATOM   322  H HG   . LEU A 1 2 ? 2.515  -1.456 -2.503 1.00 0.00 ? 2 LEU A HG   6  
ATOM   323  H HD11 . LEU A 1 2 ? 4.742  -0.912 -3.625 1.00 0.00 ? 2 LEU A HD11 6  
ATOM   324  H HD12 . LEU A 1 2 ? 4.466  0.749  -3.095 1.00 0.00 ? 2 LEU A HD12 6  
ATOM   325  H HD13 . LEU A 1 2 ? 3.317  -0.030 -4.180 1.00 0.00 ? 2 LEU A HD13 6  
ATOM   326  H HD21 . LEU A 1 2 ? 3.968  -2.402 -1.104 1.00 0.00 ? 2 LEU A HD21 6  
ATOM   327  H HD22 . LEU A 1 2 ? 3.911  -0.929 -0.139 1.00 0.00 ? 2 LEU A HD22 6  
ATOM   328  H HD23 . LEU A 1 2 ? 5.150  -1.123 -1.377 1.00 0.00 ? 2 LEU A HD23 6  
HETATM 329  N N    . MTY A 1 3 ? -0.198 1.599  -0.292 1.00 0.00 ? 3 MTY A N    6  
HETATM 330  C CA   . MTY A 1 3 ? -1.012 2.733  0.118  1.00 0.00 ? 3 MTY A CA   6  
HETATM 331  C CB   . MTY A 1 3 ? -0.344 4.032  -0.356 1.00 0.00 ? 3 MTY A CB   6  
HETATM 332  C CG   . MTY A 1 3 ? -0.015 4.037  -1.820 1.00 0.00 ? 3 MTY A CG   6  
HETATM 333  C CD1  . MTY A 1 3 ? 1.285  3.839  -2.268 1.00 0.00 ? 3 MTY A CD1  6  
HETATM 334  C CE1  . MTY A 1 3 ? 1.582  3.821  -3.611 1.00 0.00 ? 3 MTY A CE1  6  
HETATM 335  C CD2  . MTY A 1 3 ? -1.013 4.235  -2.768 1.00 0.00 ? 3 MTY A CD2  6  
HETATM 336  C CE2  . MTY A 1 3 ? -0.723 4.229  -4.113 1.00 0.00 ? 3 MTY A CE2  6  
HETATM 337  C CZ   . MTY A 1 3 ? 0.574  4.018  -4.544 1.00 0.00 ? 3 MTY A CZ   6  
HETATM 338  C C    . MTY A 1 3 ? -2.417 2.636  -0.457 1.00 0.00 ? 3 MTY A C    6  
HETATM 339  O O    . MTY A 1 3 ? -2.644 1.782  -1.339 1.00 0.00 ? 3 MTY A O    6  
HETATM 340  O OXT  . MTY A 1 3 ? -3.284 3.412  -0.006 1.00 0.00 ? 3 MTY A OXT  6  
HETATM 341  H H    . MTY A 1 3 ? -0.499 1.030  -1.024 1.00 0.00 ? 3 MTY A H    6  
HETATM 342  H HA   . MTY A 1 3 ? -1.075 2.745  1.192  1.00 0.00 ? 3 MTY A HA   6  
HETATM 343  H HB2  . MTY A 1 3 ? 0.579  4.162  0.193  1.00 0.00 ? 3 MTY A HB2  6  
HETATM 344  H HB3  . MTY A 1 3 ? -1.003 4.858  -0.154 1.00 0.00 ? 3 MTY A HB3  6  
HETATM 345  H HD1  . MTY A 1 3 ? 2.075  3.683  -1.539 1.00 0.00 ? 3 MTY A HD1  6  
HETATM 346  H HE1  . MTY A 1 3 ? 2.596  3.662  -3.946 1.00 0.00 ? 3 MTY A HE1  6  
HETATM 347  H HD2  . MTY A 1 3 ? -2.025 4.404  -2.434 1.00 0.00 ? 3 MTY A HD2  6  
HETATM 348  H HZ   . MTY A 1 3 ? 0.801  4.009  -5.597 1.00 0.00 ? 3 MTY A HZ   6  
HETATM 349  N N    . FME A 1 1 ? -0.629 -4.061 0.840  1.00 0.00 ? 1 FME A N    7  
HETATM 350  C CN   . FME A 1 1 ? -1.023 -5.208 0.284  1.00 0.00 ? 1 FME A CN   7  
HETATM 351  O O1   . FME A 1 1 ? -1.518 -5.278 -0.841 1.00 0.00 ? 1 FME A O1   7  
HETATM 352  C CA   . FME A 1 1 ? -0.667 -2.805 0.095  1.00 0.00 ? 1 FME A CA   7  
HETATM 353  C CB   . FME A 1 1 ? -1.992 -2.076 0.282  1.00 0.00 ? 1 FME A CB   7  
HETATM 354  C CG   . FME A 1 1 ? -3.101 -2.575 -0.613 1.00 0.00 ? 1 FME A CG   7  
HETATM 355  S SD   . FME A 1 1 ? -4.737 -2.230 0.062  1.00 0.00 ? 1 FME A SD   7  
HETATM 356  C CE   . FME A 1 1 ? -4.766 -0.439 0.061  1.00 0.00 ? 1 FME A CE   7  
HETATM 357  C C    . FME A 1 1 ? 0.434  -1.855 0.487  1.00 0.00 ? 1 FME A C    7  
HETATM 358  O O    . FME A 1 1 ? 0.978  -1.901 1.590  1.00 0.00 ? 1 FME A O    7  
HETATM 359  H H    . FME A 1 1 ? -0.356 -4.054 1.782  1.00 0.00 ? 1 FME A H    7  
HETATM 360  H HA   . FME A 1 1 ? -0.554 -3.045 -0.949 1.00 0.00 ? 1 FME A HA   7  
HETATM 361  H HB2  . FME A 1 1 ? -1.839 -1.029 0.076  1.00 0.00 ? 1 FME A HB2  7  
HETATM 362  H HB3  . FME A 1 1 ? -2.301 -2.185 1.301  1.00 0.00 ? 1 FME A HB3  7  
HETATM 363  H HG2  . FME A 1 1 ? -2.997 -3.642 -0.732 1.00 0.00 ? 1 FME A HG2  7  
HETATM 364  H HG3  . FME A 1 1 ? -3.020 -2.095 -1.581 1.00 0.00 ? 1 FME A HG3  7  
HETATM 365  H HE1  . FME A 1 1 ? -5.793 -0.099 0.036  1.00 0.00 ? 1 FME A HE1  7  
HETATM 366  H HE2  . FME A 1 1 ? -4.242 -0.067 -0.809 1.00 0.00 ? 1 FME A HE2  7  
HETATM 367  H HE3  . FME A 1 1 ? -4.288 -0.073 0.957  1.00 0.00 ? 1 FME A HE3  7  
ATOM   368  N N    . LEU A 1 2 ? 0.710  -0.951 -0.426 1.00 0.00 ? 2 LEU A N    7  
ATOM   369  C CA   . LEU A 1 2 ? 1.684  0.080  -0.204 1.00 0.00 ? 2 LEU A CA   7  
ATOM   370  C C    . LEU A 1 2 ? 0.949  1.296  0.342  1.00 0.00 ? 2 LEU A C    7  
ATOM   371  O O    . LEU A 1 2 ? 1.392  1.941  1.295  1.00 0.00 ? 2 LEU A O    7  
ATOM   372  C CB   . LEU A 1 2 ? 2.425  0.420  -1.495 1.00 0.00 ? 2 LEU A CB   7  
ATOM   373  C CG   . LEU A 1 2 ? 3.188  -0.745 -2.128 1.00 0.00 ? 2 LEU A CG   7  
ATOM   374  C CD1  . LEU A 1 2 ? 3.932  -0.288 -3.363 1.00 0.00 ? 2 LEU A CD1  7  
ATOM   375  C CD2  . LEU A 1 2 ? 4.133  -1.386 -1.123 1.00 0.00 ? 2 LEU A CD2  7  
ATOM   376  H H    . LEU A 1 2 ? 0.206  -0.956 -1.268 1.00 0.00 ? 2 LEU A H    7  
ATOM   377  H HA   . LEU A 1 2 ? 2.385  -0.275 0.538  1.00 0.00 ? 2 LEU A HA   7  
ATOM   378  H HB2  . LEU A 1 2 ? 1.702  0.784  -2.212 1.00 0.00 ? 2 LEU A HB2  7  
ATOM   379  H HB3  . LEU A 1 2 ? 3.129  1.208  -1.284 1.00 0.00 ? 2 LEU A HB3  7  
ATOM   380  H HG   . LEU A 1 2 ? 2.484  -1.500 -2.439 1.00 0.00 ? 2 LEU A HG   7  
ATOM   381  H HD11 . LEU A 1 2 ? 4.993  -0.262 -3.165 1.00 0.00 ? 2 LEU A HD11 7  
ATOM   382  H HD12 . LEU A 1 2 ? 3.587  0.694  -3.640 1.00 0.00 ? 2 LEU A HD12 7  
ATOM   383  H HD13 . LEU A 1 2 ? 3.734  -0.980 -4.170 1.00 0.00 ? 2 LEU A HD13 7  
ATOM   384  H HD21 . LEU A 1 2 ? 4.922  -0.696 -0.872 1.00 0.00 ? 2 LEU A HD21 7  
ATOM   385  H HD22 . LEU A 1 2 ? 4.557  -2.280 -1.554 1.00 0.00 ? 2 LEU A HD22 7  
ATOM   386  H HD23 . LEU A 1 2 ? 3.583  -1.646 -0.233 1.00 0.00 ? 2 LEU A HD23 7  
HETATM 387  N N    . MTY A 1 3 ? -0.193 1.593  -0.287 1.00 0.00 ? 3 MTY A N    7  
HETATM 388  C CA   . MTY A 1 3 ? -1.022 2.730  0.113  1.00 0.00 ? 3 MTY A CA   7  
HETATM 389  C CB   . MTY A 1 3 ? -0.401 4.043  -0.372 1.00 0.00 ? 3 MTY A CB   7  
HETATM 390  C CG   . MTY A 1 3 ? -0.064 4.031  -1.830 1.00 0.00 ? 3 MTY A CG   7  
HETATM 391  C CD1  . MTY A 1 3 ? 1.170  3.588  -2.260 1.00 0.00 ? 3 MTY A CD1  7  
HETATM 392  C CE1  . MTY A 1 3 ? 1.484  3.571  -3.601 1.00 0.00 ? 3 MTY A CE1  7  
HETATM 393  C CD2  . MTY A 1 3 ? -0.989 4.459  -2.768 1.00 0.00 ? 3 MTY A CD2  7  
HETATM 394  C CE2  . MTY A 1 3 ? -0.683 4.446  -4.114 1.00 0.00 ? 3 MTY A CE2  7  
HETATM 395  C CZ   . MTY A 1 3 ? 0.554  4.001  -4.530 1.00 0.00 ? 3 MTY A CZ   7  
HETATM 396  C C    . MTY A 1 3 ? -2.439 2.594  -0.448 1.00 0.00 ? 3 MTY A C    7  
HETATM 397  O O    . MTY A 1 3 ? -2.643 1.736  -1.337 1.00 0.00 ? 3 MTY A O    7  
HETATM 398  O OXT  . MTY A 1 3 ? -3.332 3.333  0.015  1.00 0.00 ? 3 MTY A OXT  7  
HETATM 399  H H    . MTY A 1 3 ? -0.482 1.031  -1.036 1.00 0.00 ? 3 MTY A H    7  
HETATM 400  H HA   . MTY A 1 3 ? -1.069 2.739  1.189  1.00 0.00 ? 3 MTY A HA   7  
HETATM 401  H HB2  . MTY A 1 3 ? 0.505  4.241  0.179  1.00 0.00 ? 3 MTY A HB2  7  
HETATM 402  H HB3  . MTY A 1 3 ? -1.100 4.844  -0.203 1.00 0.00 ? 3 MTY A HB3  7  
HETATM 403  H HD1  . MTY A 1 3 ? 1.893  3.255  -1.531 1.00 0.00 ? 3 MTY A HD1  7  
HETATM 404  H HE1  . MTY A 1 3 ? 2.458  3.227  -3.924 1.00 0.00 ? 3 MTY A HE1  7  
HETATM 405  H HD2  . MTY A 1 3 ? -1.956 4.804  -2.437 1.00 0.00 ? 3 MTY A HD2  7  
HETATM 406  H HZ   . MTY A 1 3 ? 0.797  3.990  -5.579 1.00 0.00 ? 3 MTY A HZ   7  
HETATM 407  N N    . FME A 1 1 ? -0.633 -4.067 0.845  1.00 0.00 ? 1 FME A N    8  
HETATM 408  C CN   . FME A 1 1 ? -1.082 -5.201 0.323  1.00 0.00 ? 1 FME A CN   8  
HETATM 409  O O1   . FME A 1 1 ? -1.475 -5.292 -0.838 1.00 0.00 ? 1 FME A O1   8  
HETATM 410  C CA   . FME A 1 1 ? -0.669 -2.817 0.090  1.00 0.00 ? 1 FME A CA   8  
HETATM 411  C CB   . FME A 1 1 ? -2.007 -2.095 0.257  1.00 0.00 ? 1 FME A CB   8  
HETATM 412  C CG   . FME A 1 1 ? -3.100 -2.597 -0.646 1.00 0.00 ? 1 FME A CG   8  
HETATM 413  S SD   . FME A 1 1 ? -4.748 -2.246 -0.004 1.00 0.00 ? 1 FME A SD   8  
HETATM 414  C CE   . FME A 1 1 ? -4.884 -0.501 -0.393 1.00 0.00 ? 1 FME A CE   8  
HETATM 415  C C    . FME A 1 1 ? 0.421  -1.850 0.491  1.00 0.00 ? 1 FME A C    8  
HETATM 416  O O    . FME A 1 1 ? 0.943  -1.891 1.603  1.00 0.00 ? 1 FME A O    8  
HETATM 417  H H    . FME A 1 1 ? -0.176 -4.093 1.713  1.00 0.00 ? 1 FME A H    8  
HETATM 418  H HA   . FME A 1 1 ? -0.540 -3.062 -0.955 1.00 0.00 ? 1 FME A HA   8  
HETATM 419  H HB2  . FME A 1 1 ? -1.859 -1.046 0.057  1.00 0.00 ? 1 FME A HB2  8  
HETATM 420  H HB3  . FME A 1 1 ? -2.341 -2.209 1.278  1.00 0.00 ? 1 FME A HB3  8  
HETATM 421  H HG2  . FME A 1 1 ? -2.990 -3.665 -0.757 1.00 0.00 ? 1 FME A HG2  8  
HETATM 422  H HG3  . FME A 1 1 ? -3.001 -2.123 -1.610 1.00 0.00 ? 1 FME A HG3  8  
HETATM 423  H HE1  . FME A 1 1 ? -5.787 -0.324 -0.958 1.00 0.00 ? 1 FME A HE1  8  
HETATM 424  H HE2  . FME A 1 1 ? -4.027 -0.193 -0.977 1.00 0.00 ? 1 FME A HE2  8  
HETATM 425  H HE3  . FME A 1 1 ? -4.916 0.069  0.523  1.00 0.00 ? 1 FME A HE3  8  
ATOM   426  N N    . LEU A 1 2 ? 0.717  -0.950 -0.429 1.00 0.00 ? 2 LEU A N    8  
ATOM   427  C CA   . LEU A 1 2 ? 1.693  0.092  -0.207 1.00 0.00 ? 2 LEU A CA   8  
ATOM   428  C C    . LEU A 1 2 ? 0.951  1.300  0.340  1.00 0.00 ? 2 LEU A C    8  
ATOM   429  O O    . LEU A 1 2 ? 1.397  1.961  1.278  1.00 0.00 ? 2 LEU A O    8  
ATOM   430  C CB   . LEU A 1 2 ? 2.427  0.442  -1.504 1.00 0.00 ? 2 LEU A CB   8  
ATOM   431  C CG   . LEU A 1 2 ? 3.193  -0.719 -2.151 1.00 0.00 ? 2 LEU A CG   8  
ATOM   432  C CD1  . LEU A 1 2 ? 3.958  -0.231 -3.373 1.00 0.00 ? 2 LEU A CD1  8  
ATOM   433  C CD2  . LEU A 1 2 ? 4.132  -1.378 -1.140 1.00 0.00 ? 2 LEU A CD2  8  
ATOM   434  H H    . LEU A 1 2 ? 0.228  -0.966 -1.285 1.00 0.00 ? 2 LEU A H    8  
ATOM   435  H HA   . LEU A 1 2 ? 2.405  -0.259 0.531  1.00 0.00 ? 2 LEU A HA   8  
ATOM   436  H HB2  . LEU A 1 2 ? 1.699  0.802  -2.215 1.00 0.00 ? 2 LEU A HB2  8  
ATOM   437  H HB3  . LEU A 1 2 ? 3.130  1.240  -1.295 1.00 0.00 ? 2 LEU A HB3  8  
ATOM   438  H HG   . LEU A 1 2 ? 2.484  -1.463 -2.484 1.00 0.00 ? 2 LEU A HG   8  
ATOM   439  H HD11 . LEU A 1 2 ? 5.015  -0.213 -3.155 1.00 0.00 ? 2 LEU A HD11 8  
ATOM   440  H HD12 . LEU A 1 2 ? 3.627  0.765  -3.632 1.00 0.00 ? 2 LEU A HD12 8  
ATOM   441  H HD13 . LEU A 1 2 ? 3.773  -0.898 -4.202 1.00 0.00 ? 2 LEU A HD13 8  
ATOM   442  H HD21 . LEU A 1 2 ? 4.732  -0.621 -0.657 1.00 0.00 ? 2 LEU A HD21 8  
ATOM   443  H HD22 . LEU A 1 2 ? 4.776  -2.077 -1.650 1.00 0.00 ? 2 LEU A HD22 8  
ATOM   444  H HD23 . LEU A 1 2 ? 3.551  -1.904 -0.393 1.00 0.00 ? 2 LEU A HD23 8  
HETATM 445  N N    . MTY A 1 3 ? -0.196 1.589  -0.283 1.00 0.00 ? 3 MTY A N    8  
HETATM 446  C CA   . MTY A 1 3 ? -1.022 2.728  0.115  1.00 0.00 ? 3 MTY A CA   8  
HETATM 447  C CB   . MTY A 1 3 ? -0.391 4.044  -0.356 1.00 0.00 ? 3 MTY A CB   8  
HETATM 448  C CG   . MTY A 1 3 ? -0.023 4.048  -1.809 1.00 0.00 ? 3 MTY A CG   8  
HETATM 449  C CD1  . MTY A 1 3 ? 1.151  3.448  -2.240 1.00 0.00 ? 3 MTY A CD1  8  
HETATM 450  C CE1  . MTY A 1 3 ? 1.498  3.452  -3.576 1.00 0.00 ? 3 MTY A CE1  8  
HETATM 451  C CD2  . MTY A 1 3 ? -0.846 4.653  -2.743 1.00 0.00 ? 3 MTY A CD2  8  
HETATM 452  C CE2  . MTY A 1 3 ? -0.504 4.660  -4.081 1.00 0.00 ? 3 MTY A CE2  8  
HETATM 453  C CZ   . MTY A 1 3 ? 0.670  4.059  -4.499 1.00 0.00 ? 3 MTY A CZ   8  
HETATM 454  C C    . MTY A 1 3 ? -2.435 2.596  -0.450 1.00 0.00 ? 3 MTY A C    8  
HETATM 455  O O    . MTY A 1 3 ? -2.577 2.538  -1.691 1.00 0.00 ? 3 MTY A O    8  
HETATM 456  O OXT  . MTY A 1 3 ? -3.390 2.551  0.354  1.00 0.00 ? 3 MTY A OXT  8  
HETATM 457  H H    . MTY A 1 3 ? -0.484 1.028  -1.031 1.00 0.00 ? 3 MTY A H    8  
HETATM 458  H HA   . MTY A 1 3 ? -1.079 2.735  1.191  1.00 0.00 ? 3 MTY A HA   8  
HETATM 459  H HB2  . MTY A 1 3 ? 0.510  4.227  0.215  1.00 0.00 ? 3 MTY A HB2  8  
HETATM 460  H HB3  . MTY A 1 3 ? -1.088 4.853  -0.188 1.00 0.00 ? 3 MTY A HB3  8  
HETATM 461  H HD1  . MTY A 1 3 ? 1.797  2.971  -1.517 1.00 0.00 ? 3 MTY A HD1  8  
HETATM 462  H HE1  . MTY A 1 3 ? 2.416  2.981  -3.900 1.00 0.00 ? 3 MTY A HE1  8  
HETATM 463  H HD2  . MTY A 1 3 ? -1.763 5.119  -2.417 1.00 0.00 ? 3 MTY A HD2  8  
HETATM 464  H HZ   . MTY A 1 3 ? 0.940  4.067  -5.545 1.00 0.00 ? 3 MTY A HZ   8  
HETATM 465  N N    . FME A 1 1 ? -0.647 -4.026 0.851  1.00 0.00 ? 1 FME A N    9  
HETATM 466  C CN   . FME A 1 1 ? -1.008 -5.185 0.321  1.00 0.00 ? 1 FME A CN   9  
HETATM 467  O O1   . FME A 1 1 ? -1.455 -5.287 -0.819 1.00 0.00 ? 1 FME A O1   9  
HETATM 468  C CA   . FME A 1 1 ? -0.663 -2.799 0.076  1.00 0.00 ? 1 FME A CA   9  
HETATM 469  C CB   . FME A 1 1 ? -2.002 -2.074 0.190  1.00 0.00 ? 1 FME A CB   9  
HETATM 470  C CG   . FME A 1 1 ? -3.065 -2.624 -0.719 1.00 0.00 ? 1 FME A CG   9  
HETATM 471  S SD   . FME A 1 1 ? -4.731 -2.160 -0.205 1.00 0.00 ? 1 FME A SD   9  
HETATM 472  C CE   . FME A 1 1 ? -4.824 -0.488 -0.845 1.00 0.00 ? 1 FME A CE   9  
HETATM 473  C C    . FME A 1 1 ? 0.422  -1.840 0.492  1.00 0.00 ? 1 FME A C    9  
HETATM 474  O O    . FME A 1 1 ? 0.917  -1.868 1.617  1.00 0.00 ? 1 FME A O    9  
HETATM 475  H H    . FME A 1 1 ? -0.299 -4.008 1.766  1.00 0.00 ? 1 FME A H    9  
HETATM 476  H HA   . FME A 1 1 ? -0.506 -3.062 -0.962 1.00 0.00 ? 1 FME A HA   9  
HETATM 477  H HB2  . FME A 1 1 ? -1.855 -1.032 -0.054 1.00 0.00 ? 1 FME A HB2  9  
HETATM 478  H HB3  . FME A 1 1 ? -2.357 -2.149 1.211  1.00 0.00 ? 1 FME A HB3  9  
HETATM 479  H HG2  . FME A 1 1 ? -2.993 -3.701 -0.727 1.00 0.00 ? 1 FME A HG2  9  
HETATM 480  H HG3  . FME A 1 1 ? -2.892 -2.249 -1.715 1.00 0.00 ? 1 FME A HG3  9  
HETATM 481  H HE1  . FME A 1 1 ? -5.457 -0.472 -1.719 1.00 0.00 ? 1 FME A HE1  9  
HETATM 482  H HE2  . FME A 1 1 ? -3.834 -0.148 -1.114 1.00 0.00 ? 1 FME A HE2  9  
HETATM 483  H HE3  . FME A 1 1 ? -5.233 0.164  -0.089 1.00 0.00 ? 1 FME A HE3  9  
ATOM   484  N N    . LEU A 1 2 ? 0.725  -0.956 -0.425 1.00 0.00 ? 2 LEU A N    9  
ATOM   485  C CA   . LEU A 1 2 ? 1.696  0.091  -0.209 1.00 0.00 ? 2 LEU A CA   9  
ATOM   486  C C    . LEU A 1 2 ? 0.951  1.298  0.337  1.00 0.00 ? 2 LEU A C    9  
ATOM   487  O O    . LEU A 1 2 ? 1.394  1.952  1.280  1.00 0.00 ? 2 LEU A O    9  
ATOM   488  C CB   . LEU A 1 2 ? 2.423  0.445  -1.516 1.00 0.00 ? 2 LEU A CB   9  
ATOM   489  C CG   . LEU A 1 2 ? 3.179  -0.721 -2.172 1.00 0.00 ? 2 LEU A CG   9  
ATOM   490  C CD1  . LEU A 1 2 ? 3.940  -0.247 -3.402 1.00 0.00 ? 2 LEU A CD1  9  
ATOM   491  C CD2  . LEU A 1 2 ? 4.126  -1.374 -1.173 1.00 0.00 ? 2 LEU A CD2  9  
ATOM   492  H H    . LEU A 1 2 ? 0.242  -0.982 -1.278 1.00 0.00 ? 2 LEU A H    9  
ATOM   493  H HA   . LEU A 1 2 ? 2.407  -0.247 0.530  1.00 0.00 ? 2 LEU A HA   9  
ATOM   494  H HB2  . LEU A 1 2 ? 1.690  0.813  -2.222 1.00 0.00 ? 2 LEU A HB2  9  
ATOM   495  H HB3  . LEU A 1 2 ? 3.131  1.238  -1.315 1.00 0.00 ? 2 LEU A HB3  9  
ATOM   496  H HG   . LEU A 1 2 ? 2.466  -1.464 -2.497 1.00 0.00 ? 2 LEU A HG   9  
ATOM   497  H HD11 . LEU A 1 2 ? 4.996  -0.198 -3.176 1.00 0.00 ? 2 LEU A HD11 9  
ATOM   498  H HD12 . LEU A 1 2 ? 3.587  0.730  -3.691 1.00 0.00 ? 2 LEU A HD12 9  
ATOM   499  H HD13 . LEU A 1 2 ? 3.777  -0.945 -4.210 1.00 0.00 ? 2 LEU A HD13 9  
ATOM   500  H HD21 . LEU A 1 2 ? 4.801  -0.630 -0.780 1.00 0.00 ? 2 LEU A HD21 9  
ATOM   501  H HD22 . LEU A 1 2 ? 4.691  -2.149 -1.668 1.00 0.00 ? 2 LEU A HD22 9  
ATOM   502  H HD23 . LEU A 1 2 ? 3.553  -1.807 -0.365 1.00 0.00 ? 2 LEU A HD23 9  
HETATM 503  N N    . MTY A 1 3 ? -0.202 1.574  -0.279 1.00 0.00 ? 3 MTY A N    9  
HETATM 504  C CA   . MTY A 1 3 ? -1.030 2.704  0.130  1.00 0.00 ? 3 MTY A CA   9  
HETATM 505  C CB   . MTY A 1 3 ? -0.399 4.031  -0.307 1.00 0.00 ? 3 MTY A CB   9  
HETATM 506  C CG   . MTY A 1 3 ? -0.063 4.073  -1.776 1.00 0.00 ? 3 MTY A CG   9  
HETATM 507  C CD1  . MTY A 1 3 ? 1.214  3.768  -2.221 1.00 0.00 ? 3 MTY A CD1  9  
HETATM 508  C CE1  . MTY A 1 3 ? 1.521  3.795  -3.568 1.00 0.00 ? 3 MTY A CE1  9  
HETATM 509  C CD2  . MTY A 1 3 ? -1.028 4.403  -2.707 1.00 0.00 ? 3 MTY A CD2  9  
HETATM 510  C CE2  . MTY A 1 3 ? -0.728 4.430  -4.060 1.00 0.00 ? 3 MTY A CE2  9  
HETATM 511  C CZ   . MTY A 1 3 ? 0.552  4.124  -4.489 1.00 0.00 ? 3 MTY A CZ   9  
HETATM 512  C C    . MTY A 1 3 ? -2.424 2.573  -0.461 1.00 0.00 ? 3 MTY A C    9  
HETATM 513  O O    . MTY A 1 3 ? -2.668 1.574  -1.163 1.00 0.00 ? 3 MTY A O    9  
HETATM 514  O OXT  . MTY A 1 3 ? -3.260 3.469  -0.212 1.00 0.00 ? 3 MTY A OXT  9  
HETATM 515  H H    . MTY A 1 3 ? -0.493 1.012  -1.027 1.00 0.00 ? 3 MTY A H    9  
HETATM 516  H HA   . MTY A 1 3 ? -1.108 2.680  1.208  1.00 0.00 ? 3 MTY A HA   9  
HETATM 517  H HB2  . MTY A 1 3 ? 0.511  4.191  0.251  1.00 0.00 ? 3 MTY A HB2  9  
HETATM 518  H HB3  . MTY A 1 3 ? -1.090 4.839  -0.099 1.00 0.00 ? 3 MTY A HB3  9  
HETATM 519  H HD1  . MTY A 1 3 ? 1.974  3.506  -1.504 1.00 0.00 ? 3 MTY A HD1  9  
HETATM 520  H HE1  . MTY A 1 3 ? 2.523  3.554  -3.899 1.00 0.00 ? 3 MTY A HE1  9  
HETATM 521  H HD2  . MTY A 1 3 ? -2.026 4.642  -2.369 1.00 0.00 ? 3 MTY A HD2  9  
HETATM 522  H HZ   . MTY A 1 3 ? 0.794  4.144  -5.544 1.00 0.00 ? 3 MTY A HZ   9  
HETATM 523  N N    . FME A 1 1 ? -0.616 -4.072 0.824  1.00 0.00 ? 1 FME A N    10 
HETATM 524  C CN   . FME A 1 1 ? -1.087 -5.192 0.291  1.00 0.00 ? 1 FME A CN   10 
HETATM 525  O O1   . FME A 1 1 ? -1.656 -5.226 -0.798 1.00 0.00 ? 1 FME A O1   10 
HETATM 526  C CA   . FME A 1 1 ? -0.674 -2.808 0.103  1.00 0.00 ? 1 FME A CA   10 
HETATM 527  C CB   . FME A 1 1 ? -1.996 -2.083 0.331  1.00 0.00 ? 1 FME A CB   10 
HETATM 528  C CG   . FME A 1 1 ? -3.126 -2.573 -0.534 1.00 0.00 ? 1 FME A CG   10 
HETATM 529  S SD   . FME A 1 1 ? -4.752 -2.208 0.161  1.00 0.00 ? 1 FME A SD   10 
HETATM 530  C CE   . FME A 1 1 ? -4.641 -0.435 0.347  1.00 0.00 ? 1 FME A CE   10 
HETATM 531  C C    . FME A 1 1 ? 0.433  -1.864 0.496  1.00 0.00 ? 1 FME A C    10 
HETATM 532  O O    . FME A 1 1 ? 0.982  -1.932 1.595  1.00 0.00 ? 1 FME A O    10 
HETATM 533  H H    . FME A 1 1 ? -0.136 -4.115 1.676  1.00 0.00 ? 1 FME A H    10 
HETATM 534  H HA   . FME A 1 1 ? -0.583 -3.027 -0.946 1.00 0.00 ? 1 FME A HA   10 
HETATM 535  H HB2  . FME A 1 1 ? -1.849 -1.032 0.128  1.00 0.00 ? 1 FME A HB2  10 
HETATM 536  H HB3  . FME A 1 1 ? -2.282 -2.203 1.361  1.00 0.00 ? 1 FME A HB3  10 
HETATM 537  H HG2  . FME A 1 1 ? -3.037 -3.642 -0.653 1.00 0.00 ? 1 FME A HG2  10 
HETATM 538  H HG3  . FME A 1 1 ? -3.048 -2.098 -1.502 1.00 0.00 ? 1 FME A HG3  10 
HETATM 539  H HE1  . FME A 1 1 ? -4.872 0.038  -0.596 1.00 0.00 ? 1 FME A HE1  10 
HETATM 540  H HE2  . FME A 1 1 ? -3.639 -0.171 0.648  1.00 0.00 ? 1 FME A HE2  10 
HETATM 541  H HE3  . FME A 1 1 ? -5.342 -0.104 1.099  1.00 0.00 ? 1 FME A HE3  10 
ATOM   542  N N    . LEU A 1 2 ? 0.701  -0.948 -0.413 1.00 0.00 ? 2 LEU A N    10 
ATOM   543  C CA   . LEU A 1 2 ? 1.682  0.082  -0.199 1.00 0.00 ? 2 LEU A CA   10 
ATOM   544  C C    . LEU A 1 2 ? 0.946  1.303  0.328  1.00 0.00 ? 2 LEU A C    10 
ATOM   545  O O    . LEU A 1 2 ? 1.379  1.951  1.284  1.00 0.00 ? 2 LEU A O    10 
ATOM   546  C CB   . LEU A 1 2 ? 2.425  0.403  -1.507 1.00 0.00 ? 2 LEU A CB   10 
ATOM   547  C CG   . LEU A 1 2 ? 3.238  -0.755 -2.095 1.00 0.00 ? 2 LEU A CG   10 
ATOM   548  C CD1  . LEU A 1 2 ? 4.015  -0.290 -3.316 1.00 0.00 ? 2 LEU A CD1  10 
ATOM   549  C CD2  . LEU A 1 2 ? 4.172  -1.337 -1.043 1.00 0.00 ? 2 LEU A CD2  10 
ATOM   550  H H    . LEU A 1 2 ? 0.183  -0.942 -1.245 1.00 0.00 ? 2 LEU A H    10 
ATOM   551  H HA   . LEU A 1 2 ? 2.384  -0.265 0.544  1.00 0.00 ? 2 LEU A HA   10 
ATOM   552  H HB2  . LEU A 1 2 ? 1.699  0.709  -2.246 1.00 0.00 ? 2 LEU A HB2  10 
ATOM   553  H HB3  . LEU A 1 2 ? 3.097  1.229  -1.323 1.00 0.00 ? 2 LEU A HB3  10 
ATOM   554  H HG   . LEU A 1 2 ? 2.562  -1.537 -2.412 1.00 0.00 ? 2 LEU A HG   10 
ATOM   555  H HD11 . LEU A 1 2 ? 4.317  -1.144 -3.900 1.00 0.00 ? 2 LEU A HD11 10 
ATOM   556  H HD12 . LEU A 1 2 ? 4.891  0.262  -3.003 1.00 0.00 ? 2 LEU A HD12 10 
ATOM   557  H HD13 . LEU A 1 2 ? 3.386  0.352  -3.916 1.00 0.00 ? 2 LEU A HD13 10 
ATOM   558  H HD21 . LEU A 1 2 ? 4.057  -2.410 -1.009 1.00 0.00 ? 2 LEU A HD21 10 
ATOM   559  H HD22 . LEU A 1 2 ? 3.933  -0.920 -0.079 1.00 0.00 ? 2 LEU A HD22 10 
ATOM   560  H HD23 . LEU A 1 2 ? 5.195  -1.093 -1.294 1.00 0.00 ? 2 LEU A HD23 10 
HETATM 561  N N    . MTY A 1 3 ? -0.195 1.595  -0.299 1.00 0.00 ? 3 MTY A N    10 
HETATM 562  C CA   . MTY A 1 3 ? -1.014 2.731  0.106  1.00 0.00 ? 3 MTY A CA   10 
HETATM 563  C CB   . MTY A 1 3 ? -0.392 4.034  -0.387 1.00 0.00 ? 3 MTY A CB   10 
HETATM 564  C CG   . MTY A 1 3 ? -0.078 4.028  -1.862 1.00 0.00 ? 3 MTY A CG   10 
HETATM 565  C CD1  . MTY A 1 3 ? 1.231  4.126  -2.297 1.00 0.00 ? 3 MTY A CD1  10 
HETATM 566  C CE1  . MTY A 1 3 ? 1.533  4.101  -3.648 1.00 0.00 ? 3 MTY A CE1  10 
HETATM 567  C CD2  . MTY A 1 3 ? -1.088 3.906  -2.811 1.00 0.00 ? 3 MTY A CD2  10 
HETATM 568  C CE2  . MTY A 1 3 ? -0.792 3.886  -4.163 1.00 0.00 ? 3 MTY A CE2  10 
HETATM 569  C CZ   . MTY A 1 3 ? 0.520  3.983  -4.582 1.00 0.00 ? 3 MTY A CZ   10 
HETATM 570  C C    . MTY A 1 3 ? -2.436 2.604  -0.432 1.00 0.00 ? 3 MTY A C    10 
HETATM 571  O O    . MTY A 1 3 ? -2.621 1.916  -1.457 1.00 0.00 ? 3 MTY A O    10 
HETATM 572  O OXT  . MTY A 1 3 ? -3.353 3.200  0.173  1.00 0.00 ? 3 MTY A OXT  10 
HETATM 573  H H    . MTY A 1 3 ? -0.488 1.034  -1.044 1.00 0.00 ? 3 MTY A H    10 
HETATM 574  H HA   . MTY A 1 3 ? -1.044 2.742  1.185  1.00 0.00 ? 3 MTY A HA   10 
HETATM 575  H HB2  . MTY A 1 3 ? 0.529  4.207  0.149  1.00 0.00 ? 3 MTY A HB2  10 
HETATM 576  H HB3  . MTY A 1 3 ? -1.075 4.846  -0.190 1.00 0.00 ? 3 MTY A HB3  10 
HETATM 577  H HD1  . MTY A 1 3 ? 2.023  4.221  -1.570 1.00 0.00 ? 3 MTY A HD1  10 
HETATM 578  H HE1  . MTY A 1 3 ? 2.559  4.179  -3.972 1.00 0.00 ? 3 MTY A HE1  10 
HETATM 579  H HD2  . MTY A 1 3 ? -2.115 3.833  -2.488 1.00 0.00 ? 3 MTY A HD2  10 
HETATM 580  H HZ   . MTY A 1 3 ? 0.753  3.961  -5.636 1.00 0.00 ? 3 MTY A HZ   10 
HETATM 581  N N    . FME A 1 1 ? -0.634 -4.031 0.854  1.00 0.00 ? 1 FME A N    11 
HETATM 582  C CN   . FME A 1 1 ? -1.060 -5.186 0.348  1.00 0.00 ? 1 FME A CN   11 
HETATM 583  O O1   . FME A 1 1 ? -1.462 -5.305 -0.811 1.00 0.00 ? 1 FME A O1   11 
HETATM 584  C CA   . FME A 1 1 ? -0.668 -2.800 0.080  1.00 0.00 ? 1 FME A CA   11 
HETATM 585  C CB   . FME A 1 1 ? -2.008 -2.074 0.224  1.00 0.00 ? 1 FME A CB   11 
HETATM 586  C CG   . FME A 1 1 ? -3.083 -2.607 -0.673 1.00 0.00 ? 1 FME A CG   11 
HETATM 587  S SD   . FME A 1 1 ? -4.736 -2.159 -0.116 1.00 0.00 ? 1 FME A SD   11 
HETATM 588  C CE   . FME A 1 1 ? -4.772 -0.419 -0.531 1.00 0.00 ? 1 FME A CE   11 
HETATM 589  C C    . FME A 1 1 ? 0.417  -1.834 0.489  1.00 0.00 ? 1 FME A C    11 
HETATM 590  O O    . FME A 1 1 ? 0.918  -1.854 1.611  1.00 0.00 ? 1 FME A O    11 
HETATM 591  H H    . FME A 1 1 ? -0.265 -4.015 1.761  1.00 0.00 ? 1 FME A H    11 
HETATM 592  H HA   . FME A 1 1 ? -0.529 -3.062 -0.955 1.00 0.00 ? 1 FME A HA   11 
HETATM 593  H HB2  . FME A 1 1 ? -1.869 -1.029 -0.006 1.00 0.00 ? 1 FME A HB2  11 
HETATM 594  H HB3  . FME A 1 1 ? -2.347 -2.168 1.246  1.00 0.00 ? 1 FME A HB3  11 
HETATM 595  H HG2  . FME A 1 1 ? -3.011 -3.690 -0.702 1.00 0.00 ? 1 FME A HG2  11 
HETATM 596  H HG3  . FME A 1 1 ? -2.931 -2.215 -1.664 1.00 0.00 ? 1 FME A HG3  11 
HETATM 597  H HE1  . FME A 1 1 ? -5.509 -0.248 -1.298 1.00 0.00 ? 1 FME A HE1  11 
HETATM 598  H HE2  . FME A 1 1 ? -3.800 -0.109 -0.892 1.00 0.00 ? 1 FME A HE2  11 
HETATM 599  H HE3  . FME A 1 1 ? -5.027 0.158  0.347  1.00 0.00 ? 1 FME A HE3  11 
ATOM   600  N N    . LEU A 1 2 ? 0.724  -0.952 -0.435 1.00 0.00 ? 2 LEU A N    11 
ATOM   601  C CA   . LEU A 1 2 ? 1.694  0.087  -0.207 1.00 0.00 ? 2 LEU A CA   11 
ATOM   602  C C    . LEU A 1 2 ? 0.947  1.289  0.344  1.00 0.00 ? 2 LEU A C    11 
ATOM   603  O O    . LEU A 1 2 ? 1.386  1.937  1.297  1.00 0.00 ? 2 LEU A O    11 
ATOM   604  C CB   . LEU A 1 2 ? 2.428  0.444  -1.508 1.00 0.00 ? 2 LEU A CB   11 
ATOM   605  C CG   . LEU A 1 2 ? 3.203  -0.709 -2.150 1.00 0.00 ? 2 LEU A CG   11 
ATOM   606  C CD1  . LEU A 1 2 ? 3.967  -0.225 -3.374 1.00 0.00 ? 2 LEU A CD1  11 
ATOM   607  C CD2  . LEU A 1 2 ? 4.145  -1.351 -1.143 1.00 0.00 ? 2 LEU A CD2  11 
ATOM   608  H H    . LEU A 1 2 ? 0.250  -0.980 -1.291 1.00 0.00 ? 2 LEU A H    11 
ATOM   609  H HA   . LEU A 1 2 ? 2.405  -0.257 0.532  1.00 0.00 ? 2 LEU A HA   11 
ATOM   610  H HB2  . LEU A 1 2 ? 1.699  0.800  -2.220 1.00 0.00 ? 2 LEU A HB2  11 
ATOM   611  H HB3  . LEU A 1 2 ? 3.124  1.245  -1.300 1.00 0.00 ? 2 LEU A HB3  11 
ATOM   612  H HG   . LEU A 1 2 ? 2.503  -1.462 -2.479 1.00 0.00 ? 2 LEU A HG   11 
ATOM   613  H HD11 . LEU A 1 2 ? 5.028  -0.290 -3.190 1.00 0.00 ? 2 LEU A HD11 11 
ATOM   614  H HD12 . LEU A 1 2 ? 3.698  0.801  -3.584 1.00 0.00 ? 2 LEU A HD12 11 
ATOM   615  H HD13 . LEU A 1 2 ? 3.710  -0.844 -4.224 1.00 0.00 ? 2 LEU A HD13 11 
ATOM   616  H HD21 . LEU A 1 2 ? 4.883  -0.628 -0.829 1.00 0.00 ? 2 LEU A HD21 11 
ATOM   617  H HD22 . LEU A 1 2 ? 4.639  -2.195 -1.601 1.00 0.00 ? 2 LEU A HD22 11 
ATOM   618  H HD23 . LEU A 1 2 ? 3.580  -1.685 -0.287 1.00 0.00 ? 2 LEU A HD23 11 
HETATM 619  N N    . MTY A 1 3 ? -0.197 1.575  -0.278 1.00 0.00 ? 3 MTY A N    11 
HETATM 620  C CA   . MTY A 1 3 ? -1.028 2.702  0.126  1.00 0.00 ? 3 MTY A CA   11 
HETATM 621  C CB   . MTY A 1 3 ? -0.387 4.020  -0.318 1.00 0.00 ? 3 MTY A CB   11 
HETATM 622  C CG   . MTY A 1 3 ? 0.005  4.051  -1.772 1.00 0.00 ? 3 MTY A CG   11 
HETATM 623  C CD1  . MTY A 1 3 ? 1.135  3.384  -2.207 1.00 0.00 ? 3 MTY A CD1  11 
HETATM 624  C CE1  . MTY A 1 3 ? 1.508  3.412  -3.540 1.00 0.00 ? 3 MTY A CE1  11 
HETATM 625  C CD2  . MTY A 1 3 ? -0.750 4.757  -2.703 1.00 0.00 ? 3 MTY A CD2  11 
HETATM 626  C CE2  . MTY A 1 3 ? -0.383 4.788  -4.035 1.00 0.00 ? 3 MTY A CE2  11 
HETATM 627  C CZ   . MTY A 1 3 ? 0.749  4.117  -4.453 1.00 0.00 ? 3 MTY A CZ   11 
HETATM 628  C C    . MTY A 1 3 ? -2.429 2.582  -0.460 1.00 0.00 ? 3 MTY A C    11 
HETATM 629  O O    . MTY A 1 3 ? -2.545 2.135  -1.620 1.00 0.00 ? 3 MTY A O    11 
HETATM 630  O OXT  . MTY A 1 3 ? -3.396 2.933  0.248  1.00 0.00 ? 3 MTY A OXT  11 
HETATM 631  H H    . MTY A 1 3 ? -0.485 1.019  -1.028 1.00 0.00 ? 3 MTY A H    11 
HETATM 632  H HA   . MTY A 1 3 ? -1.103 2.696  1.205  1.00 0.00 ? 3 MTY A HA   11 
HETATM 633  H HB2  . MTY A 1 3 ? 0.505  4.190  0.270  1.00 0.00 ? 3 MTY A HB2  11 
HETATM 634  H HB3  . MTY A 1 3 ? -1.081 4.828  -0.146 1.00 0.00 ? 3 MTY A HB3  11 
HETATM 635  H HD1  . MTY A 1 3 ? 1.731  2.836  -1.492 1.00 0.00 ? 3 MTY A HD1  11 
HETATM 636  H HE1  . MTY A 1 3 ? 2.392  2.885  -3.862 1.00 0.00 ? 3 MTY A HE1  11 
HETATM 637  H HD2  . MTY A 1 3 ? -1.635 5.281  -2.378 1.00 0.00 ? 3 MTY A HD2  11 
HETATM 638  H HZ   . MTY A 1 3 ? 1.037  4.140  -5.495 1.00 0.00 ? 3 MTY A HZ   11 
HETATM 639  N N    . FME A 1 1 ? -0.640 -4.055 0.845  1.00 0.00 ? 1 FME A N    12 
HETATM 640  C CN   . FME A 1 1 ? -1.089 -5.192 0.329  1.00 0.00 ? 1 FME A CN   12 
HETATM 641  O O1   . FME A 1 1 ? -1.538 -5.275 -0.812 1.00 0.00 ? 1 FME A O1   12 
HETATM 642  C CA   . FME A 1 1 ? -0.656 -2.813 0.083  1.00 0.00 ? 1 FME A CA   12 
HETATM 643  C CB   . FME A 1 1 ? -1.993 -2.078 0.217  1.00 0.00 ? 1 FME A CB   12 
HETATM 644  C CG   . FME A 1 1 ? -3.079 -2.590 -0.711 1.00 0.00 ? 1 FME A CG   12 
HETATM 645  S SD   . FME A 1 1 ? -4.747 -2.231 -0.117 1.00 0.00 ? 1 FME A SD   12 
HETATM 646  C CE   . FME A 1 1 ? -4.928 -0.517 -0.607 1.00 0.00 ? 1 FME A CE   12 
HETATM 647  C C    . FME A 1 1 ? 0.440  -1.855 0.496  1.00 0.00 ? 1 FME A C    12 
HETATM 648  O O    . FME A 1 1 ? 0.966  -1.894 1.608  1.00 0.00 ? 1 FME A O    12 
HETATM 649  H H    . FME A 1 1 ? -0.412 -4.022 1.796  1.00 0.00 ? 1 FME A H    12 
HETATM 650  H HA   . FME A 1 1 ? -0.508 -3.069 -0.957 1.00 0.00 ? 1 FME A HA   12 
HETATM 651  H HB2  . FME A 1 1 ? -1.826 -1.033 0.003  1.00 0.00 ? 1 FME A HB2  12 
HETATM 652  H HB3  . FME A 1 1 ? -2.342 -2.173 1.237  1.00 0.00 ? 1 FME A HB3  12 
HETATM 653  H HG2  . FME A 1 1 ? -2.974 -3.659 -0.804 1.00 0.00 ? 1 FME A HG2  12 
HETATM 654  H HG3  . FME A 1 1 ? -2.956 -2.133 -1.686 1.00 0.00 ? 1 FME A HG3  12 
HETATM 655  H HE1  . FME A 1 1 ? -4.684 -0.412 -1.654 1.00 0.00 ? 1 FME A HE1  12 
HETATM 656  H HE2  . FME A 1 1 ? -4.263 0.095  -0.019 1.00 0.00 ? 1 FME A HE2  12 
HETATM 657  H HE3  . FME A 1 1 ? -5.949 -0.201 -0.442 1.00 0.00 ? 1 FME A HE3  12 
ATOM   658  N N    . LEU A 1 2 ? 0.723  -0.953 -0.421 1.00 0.00 ? 2 LEU A N    12 
ATOM   659  C CA   . LEU A 1 2 ? 1.687  0.084  -0.205 1.00 0.00 ? 2 LEU A CA   12 
ATOM   660  C C    . LEU A 1 2 ? 0.939  1.294  0.331  1.00 0.00 ? 2 LEU A C    12 
ATOM   661  O O    . LEU A 1 2 ? 1.381  1.952  1.272  1.00 0.00 ? 2 LEU A O    12 
ATOM   662  C CB   . LEU A 1 2 ? 2.418  0.429  -1.508 1.00 0.00 ? 2 LEU A CB   12 
ATOM   663  C CG   . LEU A 1 2 ? 3.165  -0.740 -2.157 1.00 0.00 ? 2 LEU A CG   12 
ATOM   664  C CD1  . LEU A 1 2 ? 3.919  -0.273 -3.394 1.00 0.00 ? 2 LEU A CD1  12 
ATOM   665  C CD2  . LEU A 1 2 ? 4.122  -1.387 -1.159 1.00 0.00 ? 2 LEU A CD2  12 
ATOM   666  H H    . LEU A 1 2 ? 0.227  -0.965 -1.265 1.00 0.00 ? 2 LEU A H    12 
ATOM   667  H HA   . LEU A 1 2 ? 2.398  -0.258 0.537  1.00 0.00 ? 2 LEU A HA   12 
ATOM   668  H HB2  . LEU A 1 2 ? 1.692  0.803  -2.218 1.00 0.00 ? 2 LEU A HB2  12 
ATOM   669  H HB3  . LEU A 1 2 ? 3.130  1.213  -1.301 1.00 0.00 ? 2 LEU A HB3  12 
ATOM   670  H HG   . LEU A 1 2 ? 2.446  -1.486 -2.466 1.00 0.00 ? 2 LEU A HG   12 
ATOM   671  H HD11 . LEU A 1 2 ? 4.491  -1.094 -3.798 1.00 0.00 ? 2 LEU A HD11 12 
ATOM   672  H HD12 . LEU A 1 2 ? 4.588  0.533  -3.126 1.00 0.00 ? 2 LEU A HD12 12 
ATOM   673  H HD13 . LEU A 1 2 ? 3.217  0.077  -4.138 1.00 0.00 ? 2 LEU A HD13 12 
ATOM   674  H HD21 . LEU A 1 2 ? 4.103  -2.461 -1.280 1.00 0.00 ? 2 LEU A HD21 12 
ATOM   675  H HD22 . LEU A 1 2 ? 3.815  -1.135 -0.156 1.00 0.00 ? 2 LEU A HD22 12 
ATOM   676  H HD23 . LEU A 1 2 ? 5.125  -1.022 -1.330 1.00 0.00 ? 2 LEU A HD23 12 
HETATM 677  N N    . MTY A 1 3 ? -0.208 1.581  -0.283 1.00 0.00 ? 3 MTY A N    12 
HETATM 678  C CA   . MTY A 1 3 ? -1.027 2.718  0.128  1.00 0.00 ? 3 MTY A CA   12 
HETATM 679  C CB   . MTY A 1 3 ? -0.363 4.028  -0.304 1.00 0.00 ? 3 MTY A CB   12 
HETATM 680  C CG   . MTY A 1 3 ? -0.136 4.123  -1.783 1.00 0.00 ? 3 MTY A CG   12 
HETATM 681  C CD1  . MTY A 1 3 ? -1.169 4.481  -2.632 1.00 0.00 ? 3 MTY A CD1  12 
HETATM 682  C CE1  . MTY A 1 3 ? -0.961 4.578  -3.995 1.00 0.00 ? 3 MTY A CE1  12 
HETATM 683  C CD2  . MTY A 1 3 ? 1.112  3.862  -2.321 1.00 0.00 ? 3 MTY A CD2  12 
HETATM 684  C CE2  . MTY A 1 3 ? 1.328  3.955  -3.682 1.00 0.00 ? 3 MTY A CE2  12 
HETATM 685  C CZ   . MTY A 1 3 ? 0.291  4.314  -4.521 1.00 0.00 ? 3 MTY A CZ   12 
HETATM 686  C C    . MTY A 1 3 ? -2.432 2.614  -0.462 1.00 0.00 ? 3 MTY A C    12 
HETATM 687  O O    . MTY A 1 3 ? -2.818 1.501  -0.876 1.00 0.00 ? 3 MTY A O    12 
HETATM 688  O OXT  . MTY A 1 3 ? -3.131 3.647  -0.505 1.00 0.00 ? 3 MTY A OXT  12 
HETATM 689  H H    . MTY A 1 3 ? -0.502 1.022  -1.030 1.00 0.00 ? 3 MTY A H    12 
HETATM 690  H HA   . MTY A 1 3 ? -1.101 2.706  1.209  1.00 0.00 ? 3 MTY A HA   12 
HETATM 691  H HB2  . MTY A 1 3 ? 0.597  4.116  0.185  1.00 0.00 ? 3 MTY A HB2  12 
HETATM 692  H HB3  . MTY A 1 3 ? -0.989 4.857  -0.010 1.00 0.00 ? 3 MTY A HB3  12 
HETATM 693  H HD1  . MTY A 1 3 ? -2.144 4.686  -2.220 1.00 0.00 ? 3 MTY A HD1  12 
HETATM 694  H HE1  . MTY A 1 3 ? -1.775 4.859  -4.649 1.00 0.00 ? 3 MTY A HE1  12 
HETATM 695  H HD2  . MTY A 1 3 ? 1.921  3.579  -1.667 1.00 0.00 ? 3 MTY A HD2  12 
HETATM 696  H HZ   . MTY A 1 3 ? 0.456  4.390  -5.583 1.00 0.00 ? 3 MTY A HZ   12 
HETATM 697  N N    . FME A 1 1 ? -0.645 -4.065 0.824  1.00 0.00 ? 1 FME A N    13 
HETATM 698  C CN   . FME A 1 1 ? -1.093 -5.190 0.279  1.00 0.00 ? 1 FME A CN   13 
HETATM 699  O O1   . FME A 1 1 ? -1.485 -5.255 -0.885 1.00 0.00 ? 1 FME A O1   13 
HETATM 700  C CA   . FME A 1 1 ? -0.671 -2.809 0.088  1.00 0.00 ? 1 FME A CA   13 
HETATM 701  C CB   . FME A 1 1 ? -2.002 -2.084 0.264  1.00 0.00 ? 1 FME A CB   13 
HETATM 702  C CG   . FME A 1 1 ? -3.108 -2.569 -0.643 1.00 0.00 ? 1 FME A CG   13 
HETATM 703  S SD   . FME A 1 1 ? -4.742 -2.092 -0.048 1.00 0.00 ? 1 FME A SD   13 
HETATM 704  C CE   . FME A 1 1 ? -4.742 -0.339 -0.423 1.00 0.00 ? 1 FME A CE   13 
HETATM 705  C C    . FME A 1 1 ? 0.427  -1.859 0.504  1.00 0.00 ? 1 FME A C    13 
HETATM 706  O O    . FME A 1 1 ? 0.943  -1.904 1.621  1.00 0.00 ? 1 FME A O    13 
HETATM 707  H H    . FME A 1 1 ? -0.193 -4.102 1.691  1.00 0.00 ? 1 FME A H    13 
HETATM 708  H HA   . FME A 1 1 ? -0.543 -3.044 -0.957 1.00 0.00 ? 1 FME A HA   13 
HETATM 709  H HB2  . FME A 1 1 ? -1.854 -1.031 0.081  1.00 0.00 ? 1 FME A HB2  13 
HETATM 710  H HB3  . FME A 1 1 ? -2.329 -2.219 1.283  1.00 0.00 ? 1 FME A HB3  13 
HETATM 711  H HG2  . FME A 1 1 ? -3.066 -3.648 -0.699 1.00 0.00 ? 1 FME A HG2  13 
HETATM 712  H HG3  . FME A 1 1 ? -2.965 -2.153 -1.627 1.00 0.00 ? 1 FME A HG3  13 
HETATM 713  H HE1  . FME A 1 1 ? -4.655 -0.199 -1.491 1.00 0.00 ? 1 FME A HE1  13 
HETATM 714  H HE2  . FME A 1 1 ? -3.905 0.134  0.071  1.00 0.00 ? 1 FME A HE2  13 
HETATM 715  H HE3  . FME A 1 1 ? -5.662 0.103  -0.074 1.00 0.00 ? 1 FME A HE3  13 
ATOM   716  N N    . LEU A 1 2 ? 0.721  -0.955 -0.413 1.00 0.00 ? 2 LEU A N    13 
ATOM   717  C CA   . LEU A 1 2 ? 1.695  0.089  -0.187 1.00 0.00 ? 2 LEU A CA   13 
ATOM   718  C C    . LEU A 1 2 ? 0.954  1.306  0.330  1.00 0.00 ? 2 LEU A C    13 
ATOM   719  O O    . LEU A 1 2 ? 1.392  1.959  1.276  1.00 0.00 ? 2 LEU A O    13 
ATOM   720  C CB   . LEU A 1 2 ? 2.447  0.434  -1.475 1.00 0.00 ? 2 LEU A CB   13 
ATOM   721  C CG   . LEU A 1 2 ? 3.182  -0.732 -2.128 1.00 0.00 ? 2 LEU A CG   13 
ATOM   722  C CD1  . LEU A 1 2 ? 3.928  -0.249 -3.362 1.00 0.00 ? 2 LEU A CD1  13 
ATOM   723  C CD2  . LEU A 1 2 ? 4.133  -1.391 -1.129 1.00 0.00 ? 2 LEU A CD2  13 
ATOM   724  H H    . LEU A 1 2 ? 0.229  -0.968 -1.261 1.00 0.00 ? 2 LEU A H    13 
ATOM   725  H HA   . LEU A 1 2 ? 2.396  -0.248 0.562  1.00 0.00 ? 2 LEU A HA   13 
ATOM   726  H HB2  . LEU A 1 2 ? 1.741  0.832  -2.189 1.00 0.00 ? 2 LEU A HB2  13 
ATOM   727  H HB3  . LEU A 1 2 ? 3.172  1.200  -1.246 1.00 0.00 ? 2 LEU A HB3  13 
ATOM   728  H HG   . LEU A 1 2 ? 2.459  -1.470 -2.441 1.00 0.00 ? 2 LEU A HG   13 
ATOM   729  H HD11 . LEU A 1 2 ? 4.093  -1.077 -4.032 1.00 0.00 ? 2 LEU A HD11 13 
ATOM   730  H HD12 . LEU A 1 2 ? 4.877  0.177  -3.069 1.00 0.00 ? 2 LEU A HD12 13 
ATOM   731  H HD13 . LEU A 1 2 ? 3.336  0.505  -3.861 1.00 0.00 ? 2 LEU A HD13 13 
ATOM   732  H HD21 . LEU A 1 2 ? 3.846  -2.423 -0.988 1.00 0.00 ? 2 LEU A HD21 13 
ATOM   733  H HD22 . LEU A 1 2 ? 4.077  -0.872 -0.184 1.00 0.00 ? 2 LEU A HD22 13 
ATOM   734  H HD23 . LEU A 1 2 ? 5.145  -1.345 -1.505 1.00 0.00 ? 2 LEU A HD23 13 
HETATM 735  N N    . MTY A 1 3 ? -0.188 1.597  -0.308 1.00 0.00 ? 3 MTY A N    13 
HETATM 736  C CA   . MTY A 1 3 ? -1.013 2.745  0.077  1.00 0.00 ? 3 MTY A CA   13 
HETATM 737  C CB   . MTY A 1 3 ? -0.428 4.039  -0.499 1.00 0.00 ? 3 MTY A CB   13 
HETATM 738  C CG   . MTY A 1 3 ? -0.210 3.985  -1.985 1.00 0.00 ? 3 MTY A CG   13 
HETATM 739  C CD1  . MTY A 1 3 ? -1.289 4.004  -2.855 1.00 0.00 ? 3 MTY A CD1  13 
HETATM 740  C CE1  . MTY A 1 3 ? -1.095 3.954  -4.223 1.00 0.00 ? 3 MTY A CE1  13 
HETATM 741  C CD2  . MTY A 1 3 ? 1.070  3.915  -2.512 1.00 0.00 ? 3 MTY A CD2  13 
HETATM 742  C CE2  . MTY A 1 3 ? 1.269  3.864  -3.879 1.00 0.00 ? 3 MTY A CE2  13 
HETATM 743  C CZ   . MTY A 1 3 ? 0.186  3.885  -4.735 1.00 0.00 ? 3 MTY A CZ   13 
HETATM 744  C C    . MTY A 1 3 ? -2.455 2.571  -0.401 1.00 0.00 ? 3 MTY A C    13 
HETATM 745  O O    . MTY A 1 3 ? -2.672 1.812  -1.367 1.00 0.00 ? 3 MTY A O    13 
HETATM 746  O OXT  . MTY A 1 3 ? -3.355 3.197  0.200  1.00 0.00 ? 3 MTY A OXT  13 
HETATM 747  H H    . MTY A 1 3 ? -0.473 1.034  -1.056 1.00 0.00 ? 3 MTY A H    13 
HETATM 748  H HA   . MTY A 1 3 ? -1.009 2.810  1.155  1.00 0.00 ? 3 MTY A HA   13 
HETATM 749  H HB2  . MTY A 1 3 ? 0.525  4.238  -0.028 1.00 0.00 ? 3 MTY A HB2  13 
HETATM 750  H HB3  . MTY A 1 3 ? -1.103 4.856  -0.291 1.00 0.00 ? 3 MTY A HB3  13 
HETATM 751  H HD1  . MTY A 1 3 ? -2.291 4.059  -2.455 1.00 0.00 ? 3 MTY A HD1  13 
HETATM 752  H HE1  . MTY A 1 3 ? -1.945 3.967  -4.890 1.00 0.00 ? 3 MTY A HE1  13 
HETATM 753  H HD2  . MTY A 1 3 ? 1.918  3.896  -1.843 1.00 0.00 ? 3 MTY A HD2  13 
HETATM 754  H HZ   . MTY A 1 3 ? 0.339  3.846  -5.803 1.00 0.00 ? 3 MTY A HZ   13 
HETATM 755  N N    . FME A 1 1 ? -0.622 -4.072 0.833  1.00 0.00 ? 1 FME A N    14 
HETATM 756  C CN   . FME A 1 1 ? -1.069 -5.203 0.299  1.00 0.00 ? 1 FME A CN   14 
HETATM 757  O O1   . FME A 1 1 ? -1.506 -5.266 -0.848 1.00 0.00 ? 1 FME A O1   14 
HETATM 758  C CA   . FME A 1 1 ? -0.669 -2.817 0.093  1.00 0.00 ? 1 FME A CA   14 
HETATM 759  C CB   . FME A 1 1 ? -2.005 -2.088 0.272  1.00 0.00 ? 1 FME A CB   14 
HETATM 760  C CG   . FME A 1 1 ? -3.113 -2.601 -0.609 1.00 0.00 ? 1 FME A CG   14 
HETATM 761  S SD   . FME A 1 1 ? -4.751 -2.171 0.019  1.00 0.00 ? 1 FME A SD   14 
HETATM 762  C CE   . FME A 1 1 ? -4.696 -0.380 -0.059 1.00 0.00 ? 1 FME A CE   14 
HETATM 763  C C    . FME A 1 1 ? 0.427  -1.856 0.504  1.00 0.00 ? 1 FME A C    14 
HETATM 764  O O    . FME A 1 1 ? 0.942  -1.894 1.620  1.00 0.00 ? 1 FME A O    14 
HETATM 765  H H    . FME A 1 1 ? -0.276 -4.083 1.751  1.00 0.00 ? 1 FME A H    14 
HETATM 766  H HA   . FME A 1 1 ? -0.542 -3.045 -0.953 1.00 0.00 ? 1 FME A HA   14 
HETATM 767  H HB2  . FME A 1 1 ? -1.855 -1.040 0.053  1.00 0.00 ? 1 FME A HB2  14 
HETATM 768  H HB3  . FME A 1 1 ? -2.319 -2.191 1.293  1.00 0.00 ? 1 FME A HB3  14 
HETATM 769  H HG2  . FME A 1 1 ? -3.041 -3.676 -0.668 1.00 0.00 ? 1 FME A HG2  14 
HETATM 770  H HG3  . FME A 1 1 ? -3.002 -2.184 -1.597 1.00 0.00 ? 1 FME A HG3  14 
HETATM 771  H HE1  . FME A 1 1 ? -5.384 -0.030 -0.815 1.00 0.00 ? 1 FME A HE1  14 
HETATM 772  H HE2  . FME A 1 1 ? -3.694 -0.062 -0.313 1.00 0.00 ? 1 FME A HE2  14 
HETATM 773  H HE3  . FME A 1 1 ? -4.973 0.034  0.900  1.00 0.00 ? 1 FME A HE3  14 
ATOM   774  N N    . LEU A 1 2 ? 0.717  -0.958 -0.422 1.00 0.00 ? 2 LEU A N    14 
ATOM   775  C CA   . LEU A 1 2 ? 1.690  0.088  -0.206 1.00 0.00 ? 2 LEU A CA   14 
ATOM   776  C C    . LEU A 1 2 ? 0.941  1.301  0.328  1.00 0.00 ? 2 LEU A C    14 
ATOM   777  O O    . LEU A 1 2 ? 1.383  1.961  1.267  1.00 0.00 ? 2 LEU A O    14 
ATOM   778  C CB   . LEU A 1 2 ? 2.411  0.431  -1.514 1.00 0.00 ? 2 LEU A CB   14 
ATOM   779  C CG   . LEU A 1 2 ? 3.137  -0.739 -2.180 1.00 0.00 ? 2 LEU A CG   14 
ATOM   780  C CD1  . LEU A 1 2 ? 3.861  -0.268 -3.432 1.00 0.00 ? 2 LEU A CD1  14 
ATOM   781  C CD2  . LEU A 1 2 ? 4.118  -1.381 -1.217 1.00 0.00 ? 2 LEU A CD2  14 
ATOM   782  H H    . LEU A 1 2 ? 0.230  -0.981 -1.272 1.00 0.00 ? 2 LEU A H    14 
ATOM   783  H HA   . LEU A 1 2 ? 2.406  -0.248 0.529  1.00 0.00 ? 2 LEU A HA   14 
ATOM   784  H HB2  . LEU A 1 2 ? 1.688  0.820  -2.213 1.00 0.00 ? 2 LEU A HB2  14 
ATOM   785  H HB3  . LEU A 1 2 ? 3.142  1.206  -1.313 1.00 0.00 ? 2 LEU A HB3  14 
ATOM   786  H HG   . LEU A 1 2 ? 2.417  -1.485 -2.468 1.00 0.00 ? 2 LEU A HG   14 
ATOM   787  H HD11 . LEU A 1 2 ? 4.889  -0.041 -3.191 1.00 0.00 ? 2 LEU A HD11 14 
ATOM   788  H HD12 . LEU A 1 2 ? 3.378  0.620  -3.811 1.00 0.00 ? 2 LEU A HD12 14 
ATOM   789  H HD13 . LEU A 1 2 ? 3.828  -1.045 -4.183 1.00 0.00 ? 2 LEU A HD13 14 
ATOM   790  H HD21 . LEU A 1 2 ? 3.618  -2.156 -0.654 1.00 0.00 ? 2 LEU A HD21 14 
ATOM   791  H HD22 . LEU A 1 2 ? 4.498  -0.629 -0.541 1.00 0.00 ? 2 LEU A HD22 14 
ATOM   792  H HD23 . LEU A 1 2 ? 4.936  -1.811 -1.774 1.00 0.00 ? 2 LEU A HD23 14 
HETATM 793  N N    . MTY A 1 3 ? -0.208 1.593  -0.287 1.00 0.00 ? 3 MTY A N    14 
HETATM 794  C CA   . MTY A 1 3 ? -1.019 2.730  0.120  1.00 0.00 ? 3 MTY A CA   14 
HETATM 795  C CB   . MTY A 1 3 ? -0.369 4.038  -0.343 1.00 0.00 ? 3 MTY A CB   14 
HETATM 796  C CG   . MTY A 1 3 ? -0.198 4.122  -1.831 1.00 0.00 ? 3 MTY A CG   14 
HETATM 797  C CD1  . MTY A 1 3 ? -1.104 4.825  -2.605 1.00 0.00 ? 3 MTY A CD1  14 
HETATM 798  C CE1  . MTY A 1 3 ? -0.951 4.908  -3.976 1.00 0.00 ? 3 MTY A CE1  14 
HETATM 799  C CD2  . MTY A 1 3 ? 0.872  3.494  -2.458 1.00 0.00 ? 3 MTY A CD2  14 
HETATM 800  C CE2  . MTY A 1 3 ? 1.032  3.571  -3.827 1.00 0.00 ? 3 MTY A CE2  14 
HETATM 801  C CZ   . MTY A 1 3 ? 0.119  4.280  -4.589 1.00 0.00 ? 3 MTY A CZ   14 
HETATM 802  C C    . MTY A 1 3 ? -2.431 2.613  -0.448 1.00 0.00 ? 3 MTY A C    14 
HETATM 803  O O    . MTY A 1 3 ? -2.561 2.270  -1.645 1.00 0.00 ? 3 MTY A O    14 
HETATM 804  O OXT  . MTY A 1 3 ? -3.396 2.870  0.300  1.00 0.00 ? 3 MTY A OXT  14 
HETATM 805  H H    . MTY A 1 3 ? -0.509 1.029  -1.037 1.00 0.00 ? 3 MTY A H    14 
HETATM 806  H HA   . MTY A 1 3 ? -1.076 2.726  1.196  1.00 0.00 ? 3 MTY A HA   14 
HETATM 807  H HB2  . MTY A 1 3 ? 0.606  4.133  0.116  1.00 0.00 ? 3 MTY A HB2  14 
HETATM 808  H HB3  . MTY A 1 3 ? -0.989 4.866  -0.031 1.00 0.00 ? 3 MTY A HB3  14 
HETATM 809  H HD1  . MTY A 1 3 ? -1.940 5.317  -2.129 1.00 0.00 ? 3 MTY A HD1  14 
HETATM 810  H HE1  . MTY A 1 3 ? -1.664 5.462  -4.567 1.00 0.00 ? 3 MTY A HE1  14 
HETATM 811  H HD2  . MTY A 1 3 ? 1.583  2.941  -1.861 1.00 0.00 ? 3 MTY A HD2  14 
HETATM 812  H HZ   . MTY A 1 3 ? 0.237  4.339  -5.659 1.00 0.00 ? 3 MTY A HZ   14 
HETATM 813  N N    . FME A 1 1 ? -0.618 -4.080 0.838  1.00 0.00 ? 1 FME A N    15 
HETATM 814  C CN   . FME A 1 1 ? -1.046 -5.218 0.302  1.00 0.00 ? 1 FME A CN   15 
HETATM 815  O O1   . FME A 1 1 ? -1.413 -5.309 -0.870 1.00 0.00 ? 1 FME A O1   15 
HETATM 816  C CA   . FME A 1 1 ? -0.659 -2.826 0.093  1.00 0.00 ? 1 FME A CA   15 
HETATM 817  C CB   . FME A 1 1 ? -1.993 -2.099 0.260  1.00 0.00 ? 1 FME A CB   15 
HETATM 818  C CG   . FME A 1 1 ? -3.093 -2.597 -0.647 1.00 0.00 ? 1 FME A CG   15 
HETATM 819  S SD   . FME A 1 1 ? -4.742 -2.251 -0.002 1.00 0.00 ? 1 FME A SD   15 
HETATM 820  C CE   . FME A 1 1 ? -4.846 -0.490 -0.292 1.00 0.00 ? 1 FME A CE   15 
HETATM 821  C C    . FME A 1 1 ? 0.429  -1.864 0.498  1.00 0.00 ? 1 FME A C    15 
HETATM 822  O O    . FME A 1 1 ? 0.953  -1.902 1.614  1.00 0.00 ? 1 FME A O    15 
HETATM 823  H H    . FME A 1 1 ? -0.233 -4.090 1.739  1.00 0.00 ? 1 FME A H    15 
HETATM 824  H HA   . FME A 1 1 ? -0.528 -3.065 -0.949 1.00 0.00 ? 1 FME A HA   15 
HETATM 825  H HB2  . FME A 1 1 ? -1.838 -1.049 0.052  1.00 0.00 ? 1 FME A HB2  15 
HETATM 826  H HB3  . FME A 1 1 ? -2.323 -2.206 1.281  1.00 0.00 ? 1 FME A HB3  15 
HETATM 827  H HG2  . FME A 1 1 ? -2.989 -3.666 -0.767 1.00 0.00 ? 1 FME A HG2  15 
HETATM 828  H HG3  . FME A 1 1 ? -2.995 -2.118 -1.609 1.00 0.00 ? 1 FME A HG3  15 
HETATM 829  H HE1  . FME A 1 1 ? -5.516 -0.297 -1.118 1.00 0.00 ? 1 FME A HE1  15 
HETATM 830  H HE2  . FME A 1 1 ? -3.865 -0.106 -0.528 1.00 0.00 ? 1 FME A HE2  15 
HETATM 831  H HE3  . FME A 1 1 ? -5.220 -0.001 0.596  1.00 0.00 ? 1 FME A HE3  15 
ATOM   832  N N    . LEU A 1 2 ? 0.712  -0.957 -0.424 1.00 0.00 ? 2 LEU A N    15 
ATOM   833  C CA   . LEU A 1 2 ? 1.681  0.084  -0.199 1.00 0.00 ? 2 LEU A CA   15 
ATOM   834  C C    . LEU A 1 2 ? 0.941  1.300  0.334  1.00 0.00 ? 2 LEU A C    15 
ATOM   835  O O    . LEU A 1 2 ? 1.378  1.946  1.288  1.00 0.00 ? 2 LEU A O    15 
ATOM   836  C CB   . LEU A 1 2 ? 2.431  0.435  -1.492 1.00 0.00 ? 2 LEU A CB   15 
ATOM   837  C CG   . LEU A 1 2 ? 3.192  -0.728 -2.139 1.00 0.00 ? 2 LEU A CG   15 
ATOM   838  C CD1  . LEU A 1 2 ? 3.957  -0.253 -3.364 1.00 0.00 ? 2 LEU A CD1  15 
ATOM   839  C CD2  . LEU A 1 2 ? 4.137  -1.382 -1.140 1.00 0.00 ? 2 LEU A CD2  15 
ATOM   840  H H    . LEU A 1 2 ? 0.216  -0.975 -1.269 1.00 0.00 ? 2 LEU A H    15 
ATOM   841  H HA   . LEU A 1 2 ? 2.381  -0.263 0.546  1.00 0.00 ? 2 LEU A HA   15 
ATOM   842  H HB2  . LEU A 1 2 ? 1.715  0.816  -2.210 1.00 0.00 ? 2 LEU A HB2  15 
ATOM   843  H HB3  . LEU A 1 2 ? 3.139  1.217  -1.267 1.00 0.00 ? 2 LEU A HB3  15 
ATOM   844  H HG   . LEU A 1 2 ? 2.479  -1.473 -2.463 1.00 0.00 ? 2 LEU A HG   15 
ATOM   845  H HD11 . LEU A 1 2 ? 5.005  -0.163 -3.122 1.00 0.00 ? 2 LEU A HD11 15 
ATOM   846  H HD12 . LEU A 1 2 ? 3.575  0.706  -3.680 1.00 0.00 ? 2 LEU A HD12 15 
ATOM   847  H HD13 . LEU A 1 2 ? 3.832  -0.970 -4.162 1.00 0.00 ? 2 LEU A HD13 15 
ATOM   848  H HD21 . LEU A 1 2 ? 4.554  -0.627 -0.489 1.00 0.00 ? 2 LEU A HD21 15 
ATOM   849  H HD22 . LEU A 1 2 ? 4.937  -1.876 -1.673 1.00 0.00 ? 2 LEU A HD22 15 
ATOM   850  H HD23 . LEU A 1 2 ? 3.596  -2.107 -0.551 1.00 0.00 ? 2 LEU A HD23 15 
HETATM 851  N N    . MTY A 1 3 ? -0.202 1.597  -0.294 1.00 0.00 ? 3 MTY A N    15 
HETATM 852  C CA   . MTY A 1 3 ? -1.020 2.738  0.112  1.00 0.00 ? 3 MTY A CA   15 
HETATM 853  C CB   . MTY A 1 3 ? -0.375 4.055  -0.338 1.00 0.00 ? 3 MTY A CB   15 
HETATM 854  C CG   . MTY A 1 3 ? -0.003 4.082  -1.793 1.00 0.00 ? 3 MTY A CG   15 
HETATM 855  C CD1  . MTY A 1 3 ? 1.200  3.548  -2.230 1.00 0.00 ? 3 MTY A CD1  15 
HETATM 856  C CE1  . MTY A 1 3 ? 1.535  3.569  -3.572 1.00 0.00 ? 3 MTY A CE1  15 
HETATM 857  C CD2  . MTY A 1 3 ? -0.863 4.637  -2.726 1.00 0.00 ? 3 MTY A CD2  15 
HETATM 858  C CE2  . MTY A 1 3 ? -0.534 4.663  -4.067 1.00 0.00 ? 3 MTY A CE2  15 
HETATM 859  C CZ   . MTY A 1 3 ? 0.666  4.127  -4.491 1.00 0.00 ? 3 MTY A CZ   15 
HETATM 860  C C    . MTY A 1 3 ? -2.437 2.629  -0.446 1.00 0.00 ? 3 MTY A C    15 
HETATM 861  O O    . MTY A 1 3 ? -2.604 2.029  -1.529 1.00 0.00 ? 3 MTY A O    15 
HETATM 862  O OXT  . MTY A 1 3 ? -3.369 3.142  0.208  1.00 0.00 ? 3 MTY A OXT  15 
HETATM 863  H H    . MTY A 1 3 ? -0.494 1.041  -1.046 1.00 0.00 ? 3 MTY A H    15 
HETATM 864  H HA   . MTY A 1 3 ? -1.075 2.732  1.191  1.00 0.00 ? 3 MTY A HA   15 
HETATM 865  H HB2  . MTY A 1 3 ? 0.521  4.227  0.240  1.00 0.00 ? 3 MTY A HB2  15 
HETATM 866  H HB3  . MTY A 1 3 ? -1.069 4.864  -0.161 1.00 0.00 ? 3 MTY A HB3  15 
HETATM 867  H HD1  . MTY A 1 3 ? 1.882  3.113  -1.515 1.00 0.00 ? 3 MTY A HD1  15 
HETATM 868  H HE1  . MTY A 1 3 ? 2.475  3.152  -3.903 1.00 0.00 ? 3 MTY A HE1  15 
HETATM 869  H HD2  . MTY A 1 3 ? -1.802 5.058  -2.393 1.00 0.00 ? 3 MTY A HD2  15 
HETATM 870  H HZ   . MTY A 1 3 ? 0.924  4.144  -5.539 1.00 0.00 ? 3 MTY A HZ   15 
HETATM 871  N N    . FME A 1 1 ? -0.612 -4.082 0.836  1.00 0.00 ? 1 FME A N    16 
HETATM 872  C CN   . FME A 1 1 ? -1.064 -5.213 0.308  1.00 0.00 ? 1 FME A CN   16 
HETATM 873  O O1   . FME A 1 1 ? -1.614 -5.264 -0.791 1.00 0.00 ? 1 FME A O1   16 
HETATM 874  C CA   . FME A 1 1 ? -0.666 -2.823 0.100  1.00 0.00 ? 1 FME A CA   16 
HETATM 875  C CB   . FME A 1 1 ? -1.999 -2.104 0.301  1.00 0.00 ? 1 FME A CB   16 
HETATM 876  C CG   . FME A 1 1 ? -3.103 -2.601 -0.593 1.00 0.00 ? 1 FME A CG   16 
HETATM 877  S SD   . FME A 1 1 ? -4.739 -2.276 0.089  1.00 0.00 ? 1 FME A SD   16 
HETATM 878  C CE   . FME A 1 1 ? -4.726 -0.488 0.165  1.00 0.00 ? 1 FME A CE   16 
HETATM 879  C C    . FME A 1 1 ? 0.431  -1.865 0.495  1.00 0.00 ? 1 FME A C    16 
HETATM 880  O O    . FME A 1 1 ? 0.965  -1.908 1.603  1.00 0.00 ? 1 FME A O    16 
HETATM 881  H H    . FME A 1 1 ? -0.335 -4.079 1.776  1.00 0.00 ? 1 FME A H    16 
HETATM 882  H HA   . FME A 1 1 ? -0.560 -3.054 -0.946 1.00 0.00 ? 1 FME A HA   16 
HETATM 883  H HB2  . FME A 1 1 ? -1.857 -1.051 0.108  1.00 0.00 ? 1 FME A HB2  16 
HETATM 884  H HB3  . FME A 1 1 ? -2.317 -2.231 1.326  1.00 0.00 ? 1 FME A HB3  16 
HETATM 885  H HG2  . FME A 1 1 ? -2.987 -3.666 -0.733 1.00 0.00 ? 1 FME A HG2  16 
HETATM 886  H HG3  . FME A 1 1 ? -3.026 -2.104 -1.551 1.00 0.00 ? 1 FME A HG3  16 
HETATM 887  H HE1  . FME A 1 1 ? -4.476 -0.091 -0.809 1.00 0.00 ? 1 FME A HE1  16 
HETATM 888  H HE2  . FME A 1 1 ? -3.994 -0.160 0.889  1.00 0.00 ? 1 FME A HE2  16 
HETATM 889  H HE3  . FME A 1 1 ? -5.704 -0.131 0.458  1.00 0.00 ? 1 FME A HE3  16 
ATOM   890  N N    . LEU A 1 2 ? 0.703  -0.955 -0.422 1.00 0.00 ? 2 LEU A N    16 
ATOM   891  C CA   . LEU A 1 2 ? 1.678  0.087  -0.213 1.00 0.00 ? 2 LEU A CA   16 
ATOM   892  C C    . LEU A 1 2 ? 0.947  1.303  0.335  1.00 0.00 ? 2 LEU A C    16 
ATOM   893  O O    . LEU A 1 2 ? 1.404  1.956  1.276  1.00 0.00 ? 2 LEU A O    16 
ATOM   894  C CB   . LEU A 1 2 ? 2.385  0.430  -1.534 1.00 0.00 ? 2 LEU A CB   16 
ATOM   895  C CG   . LEU A 1 2 ? 3.143  -0.732 -2.186 1.00 0.00 ? 2 LEU A CG   16 
ATOM   896  C CD1  . LEU A 1 2 ? 3.870  -0.270 -3.441 1.00 0.00 ? 2 LEU A CD1  16 
ATOM   897  C CD2  . LEU A 1 2 ? 4.117  -1.362 -1.200 1.00 0.00 ? 2 LEU A CD2  16 
ATOM   898  H H    . LEU A 1 2 ? 0.199  -0.963 -1.260 1.00 0.00 ? 2 LEU A H    16 
ATOM   899  H HA   . LEU A 1 2 ? 2.402  -0.255 0.513  1.00 0.00 ? 2 LEU A HA   16 
ATOM   900  H HB2  . LEU A 1 2 ? 1.639  0.783  -2.233 1.00 0.00 ? 2 LEU A HB2  16 
ATOM   901  H HB3  . LEU A 1 2 ? 3.084  1.230  -1.347 1.00 0.00 ? 2 LEU A HB3  16 
ATOM   902  H HG   . LEU A 1 2 ? 2.434  -1.493 -2.483 1.00 0.00 ? 2 LEU A HG   16 
ATOM   903  H HD11 . LEU A 1 2 ? 4.897  -0.039 -3.202 1.00 0.00 ? 2 LEU A HD11 16 
ATOM   904  H HD12 . LEU A 1 2 ? 3.386  0.608  -3.835 1.00 0.00 ? 2 LEU A HD12 16 
ATOM   905  H HD13 . LEU A 1 2 ? 3.842  -1.057 -4.181 1.00 0.00 ? 2 LEU A HD13 16 
ATOM   906  H HD21 . LEU A 1 2 ? 3.889  -2.411 -1.088 1.00 0.00 ? 2 LEU A HD21 16 
ATOM   907  H HD22 . LEU A 1 2 ? 4.032  -0.870 -0.243 1.00 0.00 ? 2 LEU A HD22 16 
ATOM   908  H HD23 . LEU A 1 2 ? 5.124  -1.250 -1.572 1.00 0.00 ? 2 LEU A HD23 16 
HETATM 909  N N    . MTY A 1 3 ? -0.204 1.591  -0.276 1.00 0.00 ? 3 MTY A N    16 
HETATM 910  C CA   . MTY A 1 3 ? -1.022 2.737  0.118  1.00 0.00 ? 3 MTY A CA   16 
HETATM 911  C CB   . MTY A 1 3 ? -0.363 4.036  -0.344 1.00 0.00 ? 3 MTY A CB   16 
HETATM 912  C CG   . MTY A 1 3 ? -0.010 4.031  -1.800 1.00 0.00 ? 3 MTY A CG   16 
HETATM 913  C CD1  . MTY A 1 3 ? 1.199  3.506  -2.231 1.00 0.00 ? 3 MTY A CD1  16 
HETATM 914  C CE1  . MTY A 1 3 ? 1.528  3.503  -3.572 1.00 0.00 ? 3 MTY A CE1  16 
HETATM 915  C CD2  . MTY A 1 3 ? -0.883 4.554  -2.737 1.00 0.00 ? 3 MTY A CD2  16 
HETATM 916  C CE2  . MTY A 1 3 ? -0.561 4.554  -4.079 1.00 0.00 ? 3 MTY A CE2  16 
HETATM 917  C CZ   . MTY A 1 3 ? 0.648  4.027  -4.498 1.00 0.00 ? 3 MTY A CZ   16 
HETATM 918  C C    . MTY A 1 3 ? -2.428 2.627  -0.459 1.00 0.00 ? 3 MTY A C    16 
HETATM 919  O O    . MTY A 1 3 ? -2.561 2.097  -1.580 1.00 0.00 ? 3 MTY A O    16 
HETATM 920  O OXT  . MTY A 1 3 ? -3.381 3.069  0.216  1.00 0.00 ? 3 MTY A OXT  16 
HETATM 921  H H    . MTY A 1 3 ? -0.500 1.032  -1.023 1.00 0.00 ? 3 MTY A H    16 
HETATM 922  H HA   . MTY A 1 3 ? -1.090 2.744  1.198  1.00 0.00 ? 3 MTY A HA   16 
HETATM 923  H HB2  . MTY A 1 3 ? 0.545  4.201  0.220  1.00 0.00 ? 3 MTY A HB2  16 
HETATM 924  H HB3  . MTY A 1 3 ? -1.042 4.860  -0.175 1.00 0.00 ? 3 MTY A HB3  16 
HETATM 925  H HD1  . MTY A 1 3 ? 1.887  3.092  -1.508 1.00 0.00 ? 3 MTY A HD1  16 
HETATM 926  H HE1  . MTY A 1 3 ? 2.473  3.092  -3.894 1.00 0.00 ? 3 MTY A HE1  16 
HETATM 927  H HD2  . MTY A 1 3 ? -1.828 4.964  -2.407 1.00 0.00 ? 3 MTY A HD2  16 
HETATM 928  H HZ   . MTY A 1 3 ? 0.904  4.029  -5.547 1.00 0.00 ? 3 MTY A HZ   16 
HETATM 929  N N    . FME A 1 1 ? -0.638 -4.054 0.840  1.00 0.00 ? 1 FME A N    17 
HETATM 930  C CN   . FME A 1 1 ? -1.081 -5.196 0.320  1.00 0.00 ? 1 FME A CN   17 
HETATM 931  O O1   . FME A 1 1 ? -1.547 -5.279 -0.815 1.00 0.00 ? 1 FME A O1   17 
HETATM 932  C CA   . FME A 1 1 ? -0.668 -2.809 0.085  1.00 0.00 ? 1 FME A CA   17 
HETATM 933  C CB   . FME A 1 1 ? -2.002 -2.082 0.242  1.00 0.00 ? 1 FME A CB   17 
HETATM 934  C CG   . FME A 1 1 ? -3.092 -2.593 -0.668 1.00 0.00 ? 1 FME A CG   17 
HETATM 935  S SD   . FME A 1 1 ? -4.749 -2.239 -0.044 1.00 0.00 ? 1 FME A SD   17 
HETATM 936  C CE   . FME A 1 1 ? -4.825 -0.463 -0.272 1.00 0.00 ? 1 FME A CE   17 
HETATM 937  C C    . FME A 1 1 ? 0.422  -1.849 0.495  1.00 0.00 ? 1 FME A C    17 
HETATM 938  O O    . FME A 1 1 ? 0.933  -1.883 1.613  1.00 0.00 ? 1 FME A O    17 
HETATM 939  H H    . FME A 1 1 ? -0.287 -4.050 1.754  1.00 0.00 ? 1 FME A H    17 
HETATM 940  H HA   . FME A 1 1 ? -0.535 -3.057 -0.958 1.00 0.00 ? 1 FME A HA   17 
HETATM 941  H HB2  . FME A 1 1 ? -1.852 -1.032 0.035  1.00 0.00 ? 1 FME A HB2  17 
HETATM 942  H HB3  . FME A 1 1 ? -2.336 -2.190 1.262  1.00 0.00 ? 1 FME A HB3  17 
HETATM 943  H HG2  . FME A 1 1 ? -2.985 -3.664 -0.767 1.00 0.00 ? 1 FME A HG2  17 
HETATM 944  H HG3  . FME A 1 1 ? -2.983 -2.132 -1.639 1.00 0.00 ? 1 FME A HG3  17 
HETATM 945  H HE1  . FME A 1 1 ? -5.496 -0.232 -1.086 1.00 0.00 ? 1 FME A HE1  17 
HETATM 946  H HE2  . FME A 1 1 ? -3.838 -0.088 -0.500 1.00 0.00 ? 1 FME A HE2  17 
HETATM 947  H HE3  . FME A 1 1 ? -5.184 0.000  0.636  1.00 0.00 ? 1 FME A HE3  17 
ATOM   948  N N    . LEU A 1 2 ? 0.720  -0.953 -0.422 1.00 0.00 ? 2 LEU A N    17 
ATOM   949  C CA   . LEU A 1 2 ? 1.692  0.089  -0.200 1.00 0.00 ? 2 LEU A CA   17 
ATOM   950  C C    . LEU A 1 2 ? 0.950  1.301  0.338  1.00 0.00 ? 2 LEU A C    17 
ATOM   951  O O    . LEU A 1 2 ? 1.395  1.966  1.276  1.00 0.00 ? 2 LEU A O    17 
ATOM   952  C CB   . LEU A 1 2 ? 2.431  0.431  -1.495 1.00 0.00 ? 2 LEU A CB   17 
ATOM   953  C CG   . LEU A 1 2 ? 3.177  -0.740 -2.146 1.00 0.00 ? 2 LEU A CG   17 
ATOM   954  C CD1  . LEU A 1 2 ? 3.929  -0.271 -3.382 1.00 0.00 ? 2 LEU A CD1  17 
ATOM   955  C CD2  . LEU A 1 2 ? 4.132  -1.387 -1.152 1.00 0.00 ? 2 LEU A CD2  17 
ATOM   956  H H    . LEU A 1 2 ? 0.234  -0.969 -1.275 1.00 0.00 ? 2 LEU A H    17 
ATOM   957  H HA   . LEU A 1 2 ? 2.397  -0.259 0.542  1.00 0.00 ? 2 LEU A HA   17 
ATOM   958  H HB2  . LEU A 1 2 ? 1.712  0.812  -2.204 1.00 0.00 ? 2 LEU A HB2  17 
ATOM   959  H HB3  . LEU A 1 2 ? 3.147  1.207  -1.280 1.00 0.00 ? 2 LEU A HB3  17 
ATOM   960  H HG   . LEU A 1 2 ? 2.460  -1.486 -2.457 1.00 0.00 ? 2 LEU A HG   17 
ATOM   961  H HD11 . LEU A 1 2 ? 4.992  -0.305 -3.192 1.00 0.00 ? 2 LEU A HD11 17 
ATOM   962  H HD12 . LEU A 1 2 ? 3.637  0.742  -3.619 1.00 0.00 ? 2 LEU A HD12 17 
ATOM   963  H HD13 . LEU A 1 2 ? 3.691  -0.917 -4.214 1.00 0.00 ? 2 LEU A HD13 17 
ATOM   964  H HD21 . LEU A 1 2 ? 4.742  -0.624 -0.692 1.00 0.00 ? 2 LEU A HD21 17 
ATOM   965  H HD22 . LEU A 1 2 ? 4.765  -2.091 -1.669 1.00 0.00 ? 2 LEU A HD22 17 
ATOM   966  H HD23 . LEU A 1 2 ? 3.565  -1.901 -0.391 1.00 0.00 ? 2 LEU A HD23 17 
HETATM 967  N N    . MTY A 1 3 ? -0.193 1.587  -0.290 1.00 0.00 ? 3 MTY A N    17 
HETATM 968  C CA   . MTY A 1 3 ? -1.017 2.726  0.099  1.00 0.00 ? 3 MTY A CA   17 
HETATM 969  C CB   . MTY A 1 3 ? -0.395 4.030  -0.408 1.00 0.00 ? 3 MTY A CB   17 
HETATM 970  C CG   . MTY A 1 3 ? -0.066 4.007  -1.872 1.00 0.00 ? 3 MTY A CG   17 
HETATM 971  C CD1  . MTY A 1 3 ? 1.155  3.520  -2.308 1.00 0.00 ? 3 MTY A CD1  17 
HETATM 972  C CE1  . MTY A 1 3 ? 1.466  3.492  -3.654 1.00 0.00 ? 3 MTY A CE1  17 
HETATM 973  C CD2  . MTY A 1 3 ? -0.975 4.467  -2.811 1.00 0.00 ? 3 MTY A CD2  17 
HETATM 974  C CE2  . MTY A 1 3 ? -0.670 4.443  -4.159 1.00 0.00 ? 3 MTY A CE2  17 
HETATM 975  C CZ   . MTY A 1 3 ? 0.551  3.953  -4.581 1.00 0.00 ? 3 MTY A CZ   17 
HETATM 976  C C    . MTY A 1 3 ? -2.440 2.581  -0.431 1.00 0.00 ? 3 MTY A C    17 
HETATM 977  O O    . MTY A 1 3 ? -2.626 1.876  -1.446 1.00 0.00 ? 3 MTY A O    17 
HETATM 978  O OXT  . MTY A 1 3 ? -3.359 3.170  0.175  1.00 0.00 ? 3 MTY A OXT  17 
HETATM 979  H H    . MTY A 1 3 ? -0.481 1.021  -1.035 1.00 0.00 ? 3 MTY A H    17 
HETATM 980  H HA   . MTY A 1 3 ? -1.052 2.753  1.177  1.00 0.00 ? 3 MTY A HA   17 
HETATM 981  H HB2  . MTY A 1 3 ? 0.519  4.221  0.136  1.00 0.00 ? 3 MTY A HB2  17 
HETATM 982  H HB3  . MTY A 1 3 ? -1.086 4.841  -0.236 1.00 0.00 ? 3 MTY A HB3  17 
HETATM 983  H HD1  . MTY A 1 3 ? 1.869  3.158  -1.585 1.00 0.00 ? 3 MTY A HD1  17 
HETATM 984  H HE1  . MTY A 1 3 ? 2.420  3.111  -3.980 1.00 0.00 ? 3 MTY A HE1  17 
HETATM 985  H HD2  . MTY A 1 3 ? -1.931 4.850  -2.481 1.00 0.00 ? 3 MTY A HD2  17 
HETATM 986  H HZ   . MTY A 1 3 ? 0.792  3.933  -5.635 1.00 0.00 ? 3 MTY A HZ   17 
HETATM 987  N N    . FME A 1 1 ? -0.626 -4.061 0.836  1.00 0.00 ? 1 FME A N    18 
HETATM 988  C CN   . FME A 1 1 ? -1.076 -5.191 0.311  1.00 0.00 ? 1 FME A CN   18 
HETATM 989  O O1   . FME A 1 1 ? -1.539 -5.259 -0.828 1.00 0.00 ? 1 FME A O1   18 
HETATM 990  C CA   . FME A 1 1 ? -0.676 -2.807 0.098  1.00 0.00 ? 1 FME A CA   18 
HETATM 991  C CB   . FME A 1 1 ? -2.004 -2.088 0.293  1.00 0.00 ? 1 FME A CB   18 
HETATM 992  C CG   . FME A 1 1 ? -3.112 -2.594 -0.592 1.00 0.00 ? 1 FME A CG   18 
HETATM 993  S SD   . FME A 1 1 ? -4.748 -2.242 0.079  1.00 0.00 ? 1 FME A SD   18 
HETATM 994  C CE   . FME A 1 1 ? -5.020 -0.595 -0.561 1.00 0.00 ? 1 FME A CE   18 
HETATM 995  C C    . FME A 1 1 ? 0.427  -1.853 0.493  1.00 0.00 ? 1 FME A C    18 
HETATM 996  O O    . FME A 1 1 ? 0.962  -1.898 1.599  1.00 0.00 ? 1 FME A O    18 
HETATM 997  H H    . FME A 1 1 ? -0.313 -4.058 1.763  1.00 0.00 ? 1 FME A H    18 
HETATM 998  H HA   . FME A 1 1 ? -0.565 -3.034 -0.951 1.00 0.00 ? 1 FME A HA   18 
HETATM 999  H HB2  . FME A 1 1 ? -1.860 -1.037 0.089  1.00 0.00 ? 1 FME A HB2  18 
HETATM 1000 H HB3  . FME A 1 1 ? -2.315 -2.207 1.320  1.00 0.00 ? 1 FME A HB3  18 
HETATM 1001 H HG2  . FME A 1 1 ? -3.006 -3.666 -0.701 1.00 0.00 ? 1 FME A HG2  18 
HETATM 1002 H HG3  . FME A 1 1 ? -3.025 -2.125 -1.560 1.00 0.00 ? 1 FME A HG3  18 
HETATM 1003 H HE1  . FME A 1 1 ? -5.893 -0.598 -1.195 1.00 0.00 ? 1 FME A HE1  18 
HETATM 1004 H HE2  . FME A 1 1 ? -4.157 -0.291 -1.134 1.00 0.00 ? 1 FME A HE2  18 
HETATM 1005 H HE3  . FME A 1 1 ? -5.170 0.092  0.256  1.00 0.00 ? 1 FME A HE3  18 
ATOM   1006 N N    . LEU A 1 2 ? 0.708  -0.949 -0.423 1.00 0.00 ? 2 LEU A N    18 
ATOM   1007 C CA   . LEU A 1 2 ? 1.688  0.086  -0.212 1.00 0.00 ? 2 LEU A CA   18 
ATOM   1008 C C    . LEU A 1 2 ? 0.954  1.302  0.333  1.00 0.00 ? 2 LEU A C    18 
ATOM   1009 O O    . LEU A 1 2 ? 1.399  1.952  1.282  1.00 0.00 ? 2 LEU A O    18 
ATOM   1010 C CB   . LEU A 1 2 ? 2.413  0.416  -1.519 1.00 0.00 ? 2 LEU A CB   18 
ATOM   1011 C CG   . LEU A 1 2 ? 3.165  -0.763 -2.146 1.00 0.00 ? 2 LEU A CG   18 
ATOM   1012 C CD1  . LEU A 1 2 ? 3.900  -0.320 -3.401 1.00 0.00 ? 2 LEU A CD1  18 
ATOM   1013 C CD2  . LEU A 1 2 ? 4.139  -1.377 -1.145 1.00 0.00 ? 2 LEU A CD2  18 
ATOM   1014 H H    . LEU A 1 2 ? 0.208  -0.957 -1.266 1.00 0.00 ? 2 LEU A H    18 
ATOM   1015 H HA   . LEU A 1 2 ? 2.397  -0.262 0.522  1.00 0.00 ? 2 LEU A HA   18 
ATOM   1016 H HB2  . LEU A 1 2 ? 1.682  0.773  -2.233 1.00 0.00 ? 2 LEU A HB2  18 
ATOM   1017 H HB3  . LEU A 1 2 ? 3.121  1.207  -1.328 1.00 0.00 ? 2 LEU A HB3  18 
ATOM   1018 H HG   . LEU A 1 2 ? 2.452  -1.523 -2.430 1.00 0.00 ? 2 LEU A HG   18 
ATOM   1019 H HD11 . LEU A 1 2 ? 4.962  -0.306 -3.210 1.00 0.00 ? 2 LEU A HD11 18 
ATOM   1020 H HD12 . LEU A 1 2 ? 3.570  0.670  -3.681 1.00 0.00 ? 2 LEU A HD12 18 
ATOM   1021 H HD13 . LEU A 1 2 ? 3.689  -1.011 -4.206 1.00 0.00 ? 2 LEU A HD13 18 
ATOM   1022 H HD21 . LEU A 1 2 ? 4.624  -0.591 -0.583 1.00 0.00 ? 2 LEU A HD21 18 
ATOM   1023 H HD22 . LEU A 1 2 ? 4.885  -1.950 -1.675 1.00 0.00 ? 2 LEU A HD22 18 
ATOM   1024 H HD23 . LEU A 1 2 ? 3.602  -2.026 -0.469 1.00 0.00 ? 2 LEU A HD23 18 
HETATM 1025 N N    . MTY A 1 3 ? -0.196 1.590  -0.280 1.00 0.00 ? 3 MTY A N    18 
HETATM 1026 C CA   . MTY A 1 3 ? -1.023 2.719  0.126  1.00 0.00 ? 3 MTY A CA   18 
HETATM 1027 C CB   . MTY A 1 3 ? -0.385 4.031  -0.332 1.00 0.00 ? 3 MTY A CB   18 
HETATM 1028 C CG   . MTY A 1 3 ? -0.043 4.048  -1.791 1.00 0.00 ? 3 MTY A CG   18 
HETATM 1029 C CD1  . MTY A 1 3 ? 1.173  3.553  -2.231 1.00 0.00 ? 3 MTY A CD1  18 
HETATM 1030 C CE1  . MTY A 1 3 ? 1.496  3.567  -3.573 1.00 0.00 ? 3 MTY A CE1  18 
HETATM 1031 C CD2  . MTY A 1 3 ? -0.933 4.558  -2.718 1.00 0.00 ? 3 MTY A CD2  18 
HETATM 1032 C CE2  . MTY A 1 3 ? -0.616 4.576  -4.062 1.00 0.00 ? 3 MTY A CE2  18 
HETATM 1033 C CZ   . MTY A 1 3 ? 0.602  4.078  -4.490 1.00 0.00 ? 3 MTY A CZ   18 
HETATM 1034 C C    . MTY A 1 3 ? -2.430 2.590  -0.457 1.00 0.00 ? 3 MTY A C    18 
HETATM 1035 O O    . MTY A 1 3 ? -2.611 1.801  -1.413 1.00 0.00 ? 3 MTY A O    18 
HETATM 1036 O OXT  . MTY A 1 3 ? -3.344 3.269  0.054  1.00 0.00 ? 3 MTY A OXT  18 
HETATM 1037 H H    . MTY A 1 3 ? -0.493 1.026  -1.018 1.00 0.00 ? 3 MTY A H    18 
HETATM 1038 H HA   . MTY A 1 3 ? -1.093 2.717  1.209  1.00 0.00 ? 3 MTY A HA   18 
HETATM 1039 H HB2  . MTY A 1 3 ? 0.525  4.201  0.224  1.00 0.00 ? 3 MTY A HB2  18 
HETATM 1040 H HB3  . MTY A 1 3 ? -1.073 4.844  -0.148 1.00 0.00 ? 3 MTY A HB3  18 
HETATM 1041 H HD1  . MTY A 1 3 ? 1.872  3.153  -1.511 1.00 0.00 ? 3 MTY A HD1  18 
HETATM 1042 H HE1  . MTY A 1 3 ? 2.449  3.175  -3.904 1.00 0.00 ? 3 MTY A HE1  18 
HETATM 1043 H HD2  . MTY A 1 3 ? -1.884 4.948  -2.383 1.00 0.00 ? 3 MTY A HD2  18 
HETATM 1044 H HZ   . MTY A 1 3 ? 0.848  4.087  -5.541 1.00 0.00 ? 3 MTY A HZ   18 
HETATM 1045 N N    . FME A 1 1 ? -0.628 -4.056 0.843  1.00 0.00 ? 1 FME A N    19 
HETATM 1046 C CN   . FME A 1 1 ? -1.057 -5.201 0.317  1.00 0.00 ? 1 FME A CN   19 
HETATM 1047 O O1   . FME A 1 1 ? -1.578 -5.276 -0.797 1.00 0.00 ? 1 FME A O1   19 
HETATM 1048 C CA   . FME A 1 1 ? -0.666 -2.812 0.087  1.00 0.00 ? 1 FME A CA   19 
HETATM 1049 C CB   . FME A 1 1 ? -2.003 -2.092 0.248  1.00 0.00 ? 1 FME A CB   19 
HETATM 1050 C CG   . FME A 1 1 ? -3.090 -2.602 -0.664 1.00 0.00 ? 1 FME A CG   19 
HETATM 1051 S SD   . FME A 1 1 ? -4.738 -2.114 -0.118 1.00 0.00 ? 1 FME A SD   19 
HETATM 1052 C CE   . FME A 1 1 ? -4.893 -0.507 -0.891 1.00 0.00 ? 1 FME A CE   19 
HETATM 1053 C C    . FME A 1 1 ? 0.425  -1.848 0.496  1.00 0.00 ? 1 FME A C    19 
HETATM 1054 O O    . FME A 1 1 ? 0.940  -1.878 1.611  1.00 0.00 ? 1 FME A O    19 
HETATM 1055 H H    . FME A 1 1 ? -0.242 -4.060 1.740  1.00 0.00 ? 1 FME A H    19 
HETATM 1056 H HA   . FME A 1 1 ? -0.534 -3.060 -0.953 1.00 0.00 ? 1 FME A HA   19 
HETATM 1057 H HB2  . FME A 1 1 ? -1.856 -1.042 0.043  1.00 0.00 ? 1 FME A HB2  19 
HETATM 1058 H HB3  . FME A 1 1 ? -2.339 -2.207 1.268  1.00 0.00 ? 1 FME A HB3  19 
HETATM 1059 H HG2  . FME A 1 1 ? -3.042 -3.680 -0.692 1.00 0.00 ? 1 FME A HG2  19 
HETATM 1060 H HG3  . FME A 1 1 ? -2.923 -2.211 -1.659 1.00 0.00 ? 1 FME A HG3  19 
HETATM 1061 H HE1  . FME A 1 1 ? -5.889 -0.397 -1.296 1.00 0.00 ? 1 FME A HE1  19 
HETATM 1062 H HE2  . FME A 1 1 ? -4.168 -0.421 -1.686 1.00 0.00 ? 1 FME A HE2  19 
HETATM 1063 H HE3  . FME A 1 1 ? -4.717 0.265  -0.157 1.00 0.00 ? 1 FME A HE3  19 
ATOM   1064 N N    . LEU A 1 2 ? 0.714  -0.954 -0.425 1.00 0.00 ? 2 LEU A N    19 
ATOM   1065 C CA   . LEU A 1 2 ? 1.687  0.089  -0.205 1.00 0.00 ? 2 LEU A CA   19 
ATOM   1066 C C    . LEU A 1 2 ? 0.947  1.296  0.335  1.00 0.00 ? 2 LEU A C    19 
ATOM   1067 O O    . LEU A 1 2 ? 1.396  1.950  1.279  1.00 0.00 ? 2 LEU A O    19 
ATOM   1068 C CB   . LEU A 1 2 ? 2.417  0.435  -1.504 1.00 0.00 ? 2 LEU A CB   19 
ATOM   1069 C CG   . LEU A 1 2 ? 3.161  -0.732 -2.161 1.00 0.00 ? 2 LEU A CG   19 
ATOM   1070 C CD1  . LEU A 1 2 ? 3.911  -0.260 -3.396 1.00 0.00 ? 2 LEU A CD1  19 
ATOM   1071 C CD2  . LEU A 1 2 ? 4.122  -1.382 -1.176 1.00 0.00 ? 2 LEU A CD2  19 
ATOM   1072 H H    . LEU A 1 2 ? 0.226  -0.970 -1.274 1.00 0.00 ? 2 LEU A H    19 
ATOM   1073 H HA   . LEU A 1 2 ? 2.397  -0.256 0.535  1.00 0.00 ? 2 LEU A HA   19 
ATOM   1074 H HB2  . LEU A 1 2 ? 1.689  0.819  -2.207 1.00 0.00 ? 2 LEU A HB2  19 
ATOM   1075 H HB3  . LEU A 1 2 ? 3.132  1.218  -1.292 1.00 0.00 ? 2 LEU A HB3  19 
ATOM   1076 H HG   . LEU A 1 2 ? 2.442  -1.477 -2.471 1.00 0.00 ? 2 LEU A HG   19 
ATOM   1077 H HD11 . LEU A 1 2 ? 4.971  -0.256 -3.192 1.00 0.00 ? 2 LEU A HD11 19 
ATOM   1078 H HD12 . LEU A 1 2 ? 3.589  0.738  -3.651 1.00 0.00 ? 2 LEU A HD12 19 
ATOM   1079 H HD13 . LEU A 1 2 ? 3.705  -0.928 -4.220 1.00 0.00 ? 2 LEU A HD13 19 
ATOM   1080 H HD21 . LEU A 1 2 ? 4.645  -0.616 -0.624 1.00 0.00 ? 2 LEU A HD21 19 
ATOM   1081 H HD22 . LEU A 1 2 ? 4.836  -1.985 -1.718 1.00 0.00 ? 2 LEU A HD22 19 
ATOM   1082 H HD23 . LEU A 1 2 ? 3.569  -2.008 -0.491 1.00 0.00 ? 2 LEU A HD23 19 
HETATM 1083 N N    . MTY A 1 3 ? -0.198 1.586  -0.286 1.00 0.00 ? 3 MTY A N    19 
HETATM 1084 C CA   . MTY A 1 3 ? -1.023 2.720  0.120  1.00 0.00 ? 3 MTY A CA   19 
HETATM 1085 C CB   . MTY A 1 3 ? -0.384 4.034  -0.339 1.00 0.00 ? 3 MTY A CB   19 
HETATM 1086 C CG   . MTY A 1 3 ? -0.030 4.052  -1.798 1.00 0.00 ? 3 MTY A CG   19 
HETATM 1087 C CD1  . MTY A 1 3 ? 1.162  3.500  -2.241 1.00 0.00 ? 3 MTY A CD1  19 
HETATM 1088 C CE1  . MTY A 1 3 ? 1.490  3.508  -3.582 1.00 0.00 ? 3 MTY A CE1  19 
HETATM 1089 C CD2  . MTY A 1 3 ? -0.889 4.616  -2.727 1.00 0.00 ? 3 MTY A CD2  19 
HETATM 1090 C CE2  . MTY A 1 3 ? -0.566 4.628  -4.071 1.00 0.00 ? 3 MTY A CE2  19 
HETATM 1091 C CZ   . MTY A 1 3 ? 0.625  4.071  -4.500 1.00 0.00 ? 3 MTY A CZ   19 
HETATM 1092 C C    . MTY A 1 3 ? -2.432 2.599  -0.452 1.00 0.00 ? 3 MTY A C    19 
HETATM 1093 O O    . MTY A 1 3 ? -2.597 1.917  -1.485 1.00 0.00 ? 3 MTY A O    19 
HETATM 1094 O OXT  . MTY A 1 3 ? -3.360 3.185  0.143  1.00 0.00 ? 3 MTY A OXT  19 
HETATM 1095 H H    . MTY A 1 3 ? -0.494 1.021  -1.031 1.00 0.00 ? 3 MTY A H    19 
HETATM 1096 H HA   . MTY A 1 3 ? -1.085 2.716  1.197  1.00 0.00 ? 3 MTY A HA   19 
HETATM 1097 H HB2  . MTY A 1 3 ? 0.521  4.204  0.225  1.00 0.00 ? 3 MTY A HB2  19 
HETATM 1098 H HB3  . MTY A 1 3 ? -1.074 4.845  -0.155 1.00 0.00 ? 3 MTY A HB3  19 
HETATM 1099 H HD1  . MTY A 1 3 ? 1.839  3.058  -1.525 1.00 0.00 ? 3 MTY A HD1  19 
HETATM 1100 H HE1  . MTY A 1 3 ? 2.422  3.074  -3.914 1.00 0.00 ? 3 MTY A HE1  19 
HETATM 1101 H HD2  . MTY A 1 3 ? -1.820 5.052  -2.393 1.00 0.00 ? 3 MTY A HD2  19 
HETATM 1102 H HZ   . MTY A 1 3 ? 0.879  4.078  -5.549 1.00 0.00 ? 3 MTY A HZ   19 
HETATM 1103 N N    . FME A 1 1 ? -0.637 -4.048 0.852  1.00 0.00 ? 1 FME A N    20 
HETATM 1104 C CN   . FME A 1 1 ? -1.053 -5.201 0.343  1.00 0.00 ? 1 FME A CN   20 
HETATM 1105 O O1   . FME A 1 1 ? -1.432 -5.324 -0.823 1.00 0.00 ? 1 FME A O1   20 
HETATM 1106 C CA   . FME A 1 1 ? -0.659 -2.811 0.076  1.00 0.00 ? 1 FME A CA   20 
HETATM 1107 C CB   . FME A 1 1 ? -1.997 -2.088 0.191  1.00 0.00 ? 1 FME A CB   20 
HETATM 1108 C CG   . FME A 1 1 ? -3.069 -2.617 -0.733 1.00 0.00 ? 1 FME A CG   20 
HETATM 1109 S SD   . FME A 1 1 ? -4.729 -2.176 -0.197 1.00 0.00 ? 1 FME A SD   20 
HETATM 1110 C CE   . FME A 1 1 ? -5.014 -0.700 -1.170 1.00 0.00 ? 1 FME A CE   20 
HETATM 1111 C C    . FME A 1 1 ? 0.422  -1.848 0.494  1.00 0.00 ? 1 FME A C    20 
HETATM 1112 O O    . FME A 1 1 ? 0.918  -1.873 1.621  1.00 0.00 ? 1 FME A O    20 
HETATM 1113 H H    . FME A 1 1 ? -0.249 -4.038 1.752  1.00 0.00 ? 1 FME A H    20 
HETATM 1114 H HA   . FME A 1 1 ? -0.500 -3.073 -0.960 1.00 0.00 ? 1 FME A HA   20 
HETATM 1115 H HB2  . FME A 1 1 ? -1.845 -1.040 -0.035 1.00 0.00 ? 1 FME A HB2  20 
HETATM 1116 H HB3  . FME A 1 1 ? -2.351 -2.181 1.205  1.00 0.00 ? 1 FME A HB3  20 
HETATM 1117 H HG2  . FME A 1 1 ? -2.992 -3.697 -0.770 1.00 0.00 ? 1 FME A HG2  20 
HETATM 1118 H HG3  . FME A 1 1 ? -2.904 -2.213 -1.719 1.00 0.00 ? 1 FME A HG3  20 
HETATM 1119 H HE1  . FME A 1 1 ? -4.389 -0.723 -2.051 1.00 0.00 ? 1 FME A HE1  20 
HETATM 1120 H HE2  . FME A 1 1 ? -4.770 0.170  -0.579 1.00 0.00 ? 1 FME A HE2  20 
HETATM 1121 H HE3  . FME A 1 1 ? -6.052 -0.657 -1.465 1.00 0.00 ? 1 FME A HE3  20 
ATOM   1122 N N    . LEU A 1 2 ? 0.725  -0.959 -0.425 1.00 0.00 ? 2 LEU A N    20 
ATOM   1123 C CA   . LEU A 1 2 ? 1.693  0.087  -0.204 1.00 0.00 ? 2 LEU A CA   20 
ATOM   1124 C C    . LEU A 1 2 ? 0.941  1.292  0.344  1.00 0.00 ? 2 LEU A C    20 
ATOM   1125 O O    . LEU A 1 2 ? 1.377  1.940  1.293  1.00 0.00 ? 2 LEU A O    20 
ATOM   1126 C CB   . LEU A 1 2 ? 2.428  0.439  -1.500 1.00 0.00 ? 2 LEU A CB   20 
ATOM   1127 C CG   . LEU A 1 2 ? 3.064  -0.744 -2.233 1.00 0.00 ? 2 LEU A CG   20 
ATOM   1128 C CD1  . LEU A 1 2 ? 3.711  -0.285 -3.528 1.00 0.00 ? 2 LEU A CD1  20 
ATOM   1129 C CD2  . LEU A 1 2 ? 4.083  -1.443 -1.343 1.00 0.00 ? 2 LEU A CD2  20 
ATOM   1130 H H    . LEU A 1 2 ? 0.251  -0.987 -1.285 1.00 0.00 ? 2 LEU A H    20 
ATOM   1131 H HA   . LEU A 1 2 ? 2.401  -0.257 0.542  1.00 0.00 ? 2 LEU A HA   20 
ATOM   1132 H HB2  . LEU A 1 2 ? 1.719  0.910  -2.168 1.00 0.00 ? 2 LEU A HB2  20 
ATOM   1133 H HB3  . LEU A 1 2 ? 3.204  1.152  -1.267 1.00 0.00 ? 2 LEU A HB3  20 
ATOM   1134 H HG   . LEU A 1 2 ? 2.294  -1.461 -2.484 1.00 0.00 ? 2 LEU A HG   20 
ATOM   1135 H HD11 . LEU A 1 2 ? 4.251  -1.108 -3.973 1.00 0.00 ? 2 LEU A HD11 20 
ATOM   1136 H HD12 . LEU A 1 2 ? 4.398  0.524  -3.323 1.00 0.00 ? 2 LEU A HD12 20 
ATOM   1137 H HD13 . LEU A 1 2 ? 2.948  0.058  -4.215 1.00 0.00 ? 2 LEU A HD13 20 
ATOM   1138 H HD21 . LEU A 1 2 ? 3.901  -2.508 -1.356 1.00 0.00 ? 2 LEU A HD21 20 
ATOM   1139 H HD22 . LEU A 1 2 ? 3.996  -1.075 -0.333 1.00 0.00 ? 2 LEU A HD22 20 
ATOM   1140 H HD23 . LEU A 1 2 ? 5.080  -1.246 -1.714 1.00 0.00 ? 2 LEU A HD23 20 
HETATM 1141 N N    . MTY A 1 3 ? -0.196 1.591  -0.292 1.00 0.00 ? 3 MTY A N    20 
HETATM 1142 C CA   . MTY A 1 3 ? -1.025 2.720  0.118  1.00 0.00 ? 3 MTY A CA   20 
HETATM 1143 C CB   . MTY A 1 3 ? -0.386 4.034  -0.345 1.00 0.00 ? 3 MTY A CB   20 
HETATM 1144 C CG   . MTY A 1 3 ? -0.321 4.183  -1.837 1.00 0.00 ? 3 MTY A CG   20 
HETATM 1145 C CD1  . MTY A 1 3 ? 0.619  3.483  -2.575 1.00 0.00 ? 3 MTY A CD1  20 
HETATM 1146 C CE1  . MTY A 1 3 ? 0.681  3.616  -3.948 1.00 0.00 ? 3 MTY A CE1  20 
HETATM 1147 C CD2  . MTY A 1 3 ? -1.200 5.022  -2.502 1.00 0.00 ? 3 MTY A CD2  20 
HETATM 1148 C CE2  . MTY A 1 3 ? -1.143 5.160  -3.875 1.00 0.00 ? 3 MTY A CE2  20 
HETATM 1149 C CZ   . MTY A 1 3 ? -0.200 4.454  -4.601 1.00 0.00 ? 3 MTY A CZ   20 
HETATM 1150 C C    . MTY A 1 3 ? -2.437 2.596  -0.449 1.00 0.00 ? 3 MTY A C    20 
HETATM 1151 O O    . MTY A 1 3 ? -2.566 2.246  -1.642 1.00 0.00 ? 3 MTY A O    20 
HETATM 1152 O OXT  . MTY A 1 3 ? -3.399 2.847  0.305  1.00 0.00 ? 3 MTY A OXT  20 
HETATM 1153 H H    . MTY A 1 3 ? -0.486 1.030  -1.042 1.00 0.00 ? 3 MTY A H    20 
HETATM 1154 H HA   . MTY A 1 3 ? -1.081 2.719  1.197  1.00 0.00 ? 3 MTY A HA   20 
HETATM 1155 H HB2  . MTY A 1 3 ? 0.621  4.093  0.040  1.00 0.00 ? 3 MTY A HB2  20 
HETATM 1156 H HB3  . MTY A 1 3 ? -0.961 4.860  0.044  1.00 0.00 ? 3 MTY A HB3  20 
HETATM 1157 H HD1  . MTY A 1 3 ? 1.310  2.826  -2.065 1.00 0.00 ? 3 MTY A HD1  20 
HETATM 1158 H HE1  . MTY A 1 3 ? 1.422  3.065  -4.511 1.00 0.00 ? 3 MTY A HE1  20 
HETATM 1159 H HD2  . MTY A 1 3 ? -1.935 5.574  -1.938 1.00 0.00 ? 3 MTY A HD2  20 
HETATM 1160 H HZ   . MTY A 1 3 ? -0.153 4.562  -5.673 1.00 0.00 ? 3 MTY A HZ   20 
# 
loop_
_pdbx_poly_seq_scheme.asym_id 
_pdbx_poly_seq_scheme.entity_id 
_pdbx_poly_seq_scheme.seq_id 
_pdbx_poly_seq_scheme.mon_id 
_pdbx_poly_seq_scheme.ndb_seq_num 
_pdbx_poly_seq_scheme.pdb_seq_num 
_pdbx_poly_seq_scheme.auth_seq_num 
_pdbx_poly_seq_scheme.pdb_mon_id 
_pdbx_poly_seq_scheme.auth_mon_id 
_pdbx_poly_seq_scheme.pdb_strand_id 
_pdbx_poly_seq_scheme.pdb_ins_code 
_pdbx_poly_seq_scheme.hetero 
A 1 1 FME 1 1 1 FME MET A . n 
A 1 2 LEU 2 2 2 LEU LEU A . n 
A 1 3 MTY 3 3 3 MTY PHE A . n 
# 
loop_
_pdbx_struct_mod_residue.id 
_pdbx_struct_mod_residue.label_asym_id 
_pdbx_struct_mod_residue.label_comp_id 
_pdbx_struct_mod_residue.label_seq_id 
_pdbx_struct_mod_residue.auth_asym_id 
_pdbx_struct_mod_residue.auth_comp_id 
_pdbx_struct_mod_residue.auth_seq_id 
_pdbx_struct_mod_residue.PDB_ins_code 
_pdbx_struct_mod_residue.parent_comp_id 
_pdbx_struct_mod_residue.details 
1 A FME 1 A FME 1 ? MET N-FORMYLMETHIONINE 
2 A MTY 3 A MTY 3 ? TYR META-TYROSINE      
# 
_pdbx_struct_assembly.id                   1 
_pdbx_struct_assembly.details              author_defined_assembly 
_pdbx_struct_assembly.method_details       ? 
_pdbx_struct_assembly.oligomeric_details   monomeric 
_pdbx_struct_assembly.oligomeric_count     1 
# 
_pdbx_struct_assembly_gen.assembly_id       1 
_pdbx_struct_assembly_gen.oper_expression   1 
_pdbx_struct_assembly_gen.asym_id_list      A 
# 
_pdbx_struct_oper_list.id                   1 
_pdbx_struct_oper_list.type                 'identity operation' 
_pdbx_struct_oper_list.name                 1_555 
_pdbx_struct_oper_list.symmetry_operation   x,y,z 
_pdbx_struct_oper_list.matrix[1][1]         1.0000000000 
_pdbx_struct_oper_list.matrix[1][2]         0.0000000000 
_pdbx_struct_oper_list.matrix[1][3]         0.0000000000 
_pdbx_struct_oper_list.vector[1]            0.0000000000 
_pdbx_struct_oper_list.matrix[2][1]         0.0000000000 
_pdbx_struct_oper_list.matrix[2][2]         1.0000000000 
_pdbx_struct_oper_list.matrix[2][3]         0.0000000000 
_pdbx_struct_oper_list.vector[2]            0.0000000000 
_pdbx_struct_oper_list.matrix[3][1]         0.0000000000 
_pdbx_struct_oper_list.matrix[3][2]         0.0000000000 
_pdbx_struct_oper_list.matrix[3][3]         1.0000000000 
_pdbx_struct_oper_list.vector[3]            0.0000000000 
# 
loop_
_pdbx_audit_revision_history.ordinal 
_pdbx_audit_revision_history.data_content_type 
_pdbx_audit_revision_history.major_revision 
_pdbx_audit_revision_history.minor_revision 
_pdbx_audit_revision_history.revision_date 
1 'Structure model' 1 0 2003-09-09 
2 'Structure model' 1 1 2008-04-01 
3 'Structure model' 1 2 2011-07-13 
4 'Structure model' 1 3 2022-03-02 
# 
_pdbx_audit_revision_details.ordinal             1 
_pdbx_audit_revision_details.revision_ordinal    1 
_pdbx_audit_revision_details.data_content_type   'Structure model' 
_pdbx_audit_revision_details.provider            repository 
_pdbx_audit_revision_details.type                'Initial release' 
_pdbx_audit_revision_details.description         ? 
_pdbx_audit_revision_details.details             ? 
# 
loop_
_pdbx_audit_revision_group.ordinal 
_pdbx_audit_revision_group.revision_ordinal 
_pdbx_audit_revision_group.data_content_type 
_pdbx_audit_revision_group.group 
1 2 'Structure model' 'Version format compliance' 
2 3 'Structure model' 'Version format compliance' 
3 4 'Structure model' 'Database references'       
4 4 'Structure model' 'Derived calculations'      
# 
loop_
_pdbx_audit_revision_category.ordinal 
_pdbx_audit_revision_category.revision_ordinal 
_pdbx_audit_revision_category.data_content_type 
_pdbx_audit_revision_category.category 
1 4 'Structure model' database_2            
2 4 'Structure model' pdbx_struct_assembly  
3 4 'Structure model' pdbx_struct_oper_list 
4 4 'Structure model' struct_conn           
# 
loop_
_pdbx_audit_revision_item.ordinal 
_pdbx_audit_revision_item.revision_ordinal 
_pdbx_audit_revision_item.data_content_type 
_pdbx_audit_revision_item.item 
1 4 'Structure model' '_database_2.pdbx_DOI'                
2 4 'Structure model' '_database_2.pdbx_database_accession' 
3 4 'Structure model' '_struct_conn.pdbx_leaving_atom_flag' 
# 
loop_
_pdbx_unobs_or_zero_occ_atoms.id 
_pdbx_unobs_or_zero_occ_atoms.PDB_model_num 
_pdbx_unobs_or_zero_occ_atoms.polymer_flag 
_pdbx_unobs_or_zero_occ_atoms.occupancy_flag 
_pdbx_unobs_or_zero_occ_atoms.auth_asym_id 
_pdbx_unobs_or_zero_occ_atoms.auth_comp_id 
_pdbx_unobs_or_zero_occ_atoms.auth_seq_id 
_pdbx_unobs_or_zero_occ_atoms.PDB_ins_code 
_pdbx_unobs_or_zero_occ_atoms.auth_atom_id 
_pdbx_unobs_or_zero_occ_atoms.label_alt_id 
_pdbx_unobs_or_zero_occ_atoms.label_asym_id 
_pdbx_unobs_or_zero_occ_atoms.label_comp_id 
_pdbx_unobs_or_zero_occ_atoms.label_seq_id 
_pdbx_unobs_or_zero_occ_atoms.label_atom_id 
1  1  Y 1 A MTY 3 ? OH ? A MTY 3 OH 
2  2  Y 1 A MTY 3 ? OH ? A MTY 3 OH 
3  3  Y 1 A MTY 3 ? OH ? A MTY 3 OH 
4  4  Y 1 A MTY 3 ? OH ? A MTY 3 OH 
5  5  Y 1 A MTY 3 ? OH ? A MTY 3 OH 
6  6  Y 1 A MTY 3 ? OH ? A MTY 3 OH 
7  7  Y 1 A MTY 3 ? OH ? A MTY 3 OH 
8  8  Y 1 A MTY 3 ? OH ? A MTY 3 OH 
9  9  Y 1 A MTY 3 ? OH ? A MTY 3 OH 
10 10 Y 1 A MTY 3 ? OH ? A MTY 3 OH 
11 11 Y 1 A MTY 3 ? OH ? A MTY 3 OH 
12 12 Y 1 A MTY 3 ? OH ? A MTY 3 OH 
13 13 Y 1 A MTY 3 ? OH ? A MTY 3 OH 
14 14 Y 1 A MTY 3 ? OH ? A MTY 3 OH 
15 15 Y 1 A MTY 3 ? OH ? A MTY 3 OH 
16 16 Y 1 A MTY 3 ? OH ? A MTY 3 OH 
17 17 Y 1 A MTY 3 ? OH ? A MTY 3 OH 
18 18 Y 1 A MTY 3 ? OH ? A MTY 3 OH 
19 19 Y 1 A MTY 3 ? OH ? A MTY 3 OH 
20 20 Y 1 A MTY 3 ? OH ? A MTY 3 OH 
# 
